data_6CAA
#
_entry.id   6CAA
#
_cell.length_a   1
_cell.length_b   1
_cell.length_c   1
_cell.angle_alpha   90.00
_cell.angle_beta   90.00
_cell.angle_gamma   90.00
#
_symmetry.space_group_name_H-M   'P 1'
#
_entity_poly.entity_id   1
_entity_poly.type   'polypeptide(L)'
_entity_poly.pdbx_seq_one_letter_code
;MSTENVEGKPSNLGERGRARSSTFLRVVQPMFNHSIFTSAVSPAAERIRFILGEEDDSPAPPQLFTELDELLAVDGQEME
WKETARWIKFEEKVEQGGERWSKPHVATLSLHSLFELRTCMEKGSIMLDREASSLPQLVEMIVDHQIETGLLKPELKDKV
TYTLLRKHRHQTKKSNLRSLADIGKTVSSASRMFTNPDNGSPAMTHRNLTSSSLNDISDKPEKDQLKNKFMKKLPRDAEA
SNVLVGEVDFLDTPFIAFVRLQQAVMLGALTEVPVPTRFLFILLGPKGKAKSYHEIGRAIATLMSDEVFHDIAYKAKDRH
DLIAGIDEFLDEVIVLPPGEWDPAIRIEPPKSLPSSDKRKNMYSGGENVQMNGDTPHDGGHGGGGHGDCEELQRTGRFCG
GLIKDIKRKAPFFASDFYDALNIQALSAILFIYLATVTNAITFGGLLGDATDNMQGVLESFLGTAVSGAIFCLFAGQPLT
ILSSTGPVLVFERLLFNFSKDNNFDYLEFRLWIGLWSAFLCLILVATDASFLVQYFTRFTEEGFSSLISFIFIYDAFKKM
IKLADYYPINSNFKVGYNTLFSCTCVPPDPANISISNDTTLAPEYLPTMSSTDMYHNTTFDWAFLSKKECSKYGGNLVGN
NCNFVPDITLMSFILFLGTYTSSMALKKFKTSPYFPTTARKLISDFAIILSILIFCVIDALVGVDTPKLIVPSEFKPTSP
NRGWFVPPFGENPWWVCLAAAIPALLVTILIFMDQQITAVIVNRKEHKLKKGAGYHLDLFWVAILMVICSLMALPWYVAA
TVISIAHIDSLKMETETSAPGEQPKFLGVREQRVTGTLVFILTGLSVFMAPILKFIPMPVLYGVFLYMGVASLNGVQFMD
RLKLLLMPLKHQPDFIYLRHVPLRRVHLFTFLQVLCLALLWILKSTVAAIIFPVMILALVAVRKGMDYLFSQHDLSFLDD
VIPEKDKKKKEDEKKKKKKKGSLDSDNDDSDCPYSEKVPSIKIPMDIMEQQPFLSDSKPSDRERSPTFLERHTSC
;
_entity_poly.pdbx_strand_id   A,B
#
# COMPACT_ATOMS: atom_id res chain seq x y z
N GLY A 401 17.33 41.69 -28.08
CA GLY A 401 17.77 40.96 -26.91
C GLY A 401 16.63 40.56 -25.99
N LEU A 402 16.85 40.69 -24.69
CA LEU A 402 15.84 40.39 -23.69
C LEU A 402 14.82 41.50 -23.52
N ILE A 403 14.97 42.60 -24.26
CA ILE A 403 14.01 43.70 -24.17
C ILE A 403 12.67 43.29 -24.74
N LYS A 404 12.69 42.52 -25.82
CA LYS A 404 11.46 41.96 -26.36
C LYS A 404 10.86 40.89 -25.46
N ASP A 405 11.66 40.32 -24.56
CA ASP A 405 11.18 39.31 -23.62
C ASP A 405 10.65 39.96 -22.34
N ILE A 406 11.32 41.01 -21.85
CA ILE A 406 10.85 41.70 -20.65
C ILE A 406 9.66 42.59 -20.94
N LYS A 407 9.36 42.85 -22.22
CA LYS A 407 8.23 43.71 -22.55
C LYS A 407 6.90 43.02 -22.33
N ARG A 408 6.83 41.71 -22.53
CA ARG A 408 5.59 40.98 -22.33
C ARG A 408 5.46 40.39 -20.95
N LYS A 409 6.55 40.30 -20.19
CA LYS A 409 6.49 39.78 -18.84
C LYS A 409 6.19 40.88 -17.82
N ALA A 410 6.41 42.13 -18.23
CA ALA A 410 6.09 43.30 -17.43
C ALA A 410 4.59 43.57 -17.12
N PRO A 411 3.66 43.38 -18.07
CA PRO A 411 2.25 43.67 -17.75
C PRO A 411 1.51 42.53 -17.07
N PHE A 412 2.14 41.92 -16.07
CA PHE A 412 1.49 40.88 -15.30
C PHE A 412 1.82 40.91 -13.81
N PHE A 413 2.54 41.92 -13.31
CA PHE A 413 3.06 41.83 -11.95
C PHE A 413 1.94 42.05 -10.94
N ALA A 414 1.05 43.00 -11.20
CA ALA A 414 -0.06 43.24 -10.30
C ALA A 414 -1.13 42.16 -10.45
N SER A 415 -1.16 41.49 -11.60
CA SER A 415 -2.17 40.45 -11.82
C SER A 415 -1.81 39.18 -11.07
N ASP A 416 -0.57 39.05 -10.62
CA ASP A 416 -0.14 37.79 -10.02
C ASP A 416 -0.32 37.80 -8.51
N PHE A 417 -0.01 38.91 -7.86
CA PHE A 417 -0.04 38.93 -6.40
C PHE A 417 -1.46 38.89 -5.87
N TYR A 418 -2.41 39.43 -6.65
CA TYR A 418 -3.82 39.34 -6.25
C TYR A 418 -4.42 38.02 -6.71
N ASP A 419 -3.64 37.19 -7.40
CA ASP A 419 -4.06 35.85 -7.74
C ASP A 419 -3.53 34.82 -6.75
N ALA A 420 -2.98 35.26 -5.61
CA ALA A 420 -2.29 34.36 -4.70
C ALA A 420 -2.91 34.32 -3.30
N LEU A 421 -4.23 34.26 -3.19
CA LEU A 421 -4.86 34.20 -1.88
C LEU A 421 -5.60 32.89 -1.66
N ASN A 422 -5.57 32.00 -2.65
CA ASN A 422 -6.31 30.75 -2.62
C ASN A 422 -5.78 29.79 -1.58
N ILE A 423 -6.55 28.76 -1.25
CA ILE A 423 -6.18 27.87 -0.16
C ILE A 423 -5.08 26.93 -0.59
N GLN A 424 -5.15 26.43 -1.84
CA GLN A 424 -4.18 25.45 -2.31
C GLN A 424 -2.82 26.09 -2.56
N ALA A 425 -2.78 27.42 -2.63
CA ALA A 425 -1.49 28.11 -2.70
C ALA A 425 -0.74 27.97 -1.40
N LEU A 426 -1.44 27.80 -0.29
CA LEU A 426 -0.77 27.51 0.97
C LEU A 426 -0.22 26.09 0.98
N SER A 427 -0.88 25.18 0.24
CA SER A 427 -0.45 23.78 0.22
C SER A 427 0.92 23.62 -0.39
N ALA A 428 1.17 24.29 -1.51
CA ALA A 428 2.39 24.08 -2.25
C ALA A 428 3.58 24.72 -1.56
N ILE A 429 3.34 25.68 -0.69
CA ILE A 429 4.45 26.36 -0.04
C ILE A 429 5.10 25.46 1.00
N LEU A 430 4.32 24.96 1.96
CA LEU A 430 4.90 24.16 3.02
C LEU A 430 5.22 22.74 2.57
N PHE A 431 4.72 22.33 1.42
CA PHE A 431 5.26 21.14 0.77
C PHE A 431 6.66 21.39 0.24
N ILE A 432 6.82 22.39 -0.61
CA ILE A 432 8.07 22.57 -1.32
C ILE A 432 9.14 23.16 -0.40
N TYR A 433 8.71 23.87 0.64
CA TYR A 433 9.62 24.21 1.72
C TYR A 433 10.24 22.97 2.33
N LEU A 434 9.43 21.93 2.53
CA LEU A 434 9.98 20.68 3.07
C LEU A 434 10.82 19.96 2.04
N ALA A 435 10.57 20.21 0.75
CA ALA A 435 11.42 19.61 -0.27
C ALA A 435 12.73 20.37 -0.40
N THR A 436 12.67 21.70 -0.36
CA THR A 436 13.86 22.50 -0.60
C THR A 436 14.81 22.45 0.57
N VAL A 437 14.29 22.49 1.79
CA VAL A 437 15.17 22.42 2.95
C VAL A 437 15.73 21.02 3.11
N THR A 438 15.09 20.02 2.48
CA THR A 438 15.71 18.72 2.38
C THR A 438 16.78 18.71 1.31
N ASN A 439 16.50 19.37 0.18
CA ASN A 439 17.46 19.37 -0.92
C ASN A 439 18.62 20.30 -0.61
N ALA A 440 18.43 21.21 0.35
CA ALA A 440 19.54 22.03 0.81
C ALA A 440 20.44 21.23 1.75
N ILE A 441 19.85 20.48 2.67
CA ILE A 441 20.66 19.81 3.68
C ILE A 441 21.33 18.57 3.08
N THR A 442 20.76 18.02 2.02
CA THR A 442 21.34 16.79 1.48
C THR A 442 22.53 17.09 0.58
N PHE A 443 22.66 18.34 0.12
CA PHE A 443 23.84 18.71 -0.63
C PHE A 443 24.84 19.45 0.25
N GLY A 444 24.36 19.96 1.40
CA GLY A 444 25.27 20.61 2.31
C GLY A 444 26.26 19.65 2.93
N GLY A 445 25.86 18.39 3.06
CA GLY A 445 26.80 17.38 3.51
C GLY A 445 27.79 17.00 2.43
N LEU A 446 27.32 16.93 1.18
CA LEU A 446 28.18 16.50 0.08
C LEU A 446 29.16 17.60 -0.29
N LEU A 447 28.68 18.84 -0.33
CA LEU A 447 29.57 19.97 -0.52
C LEU A 447 30.35 20.27 0.76
N GLY A 448 30.01 19.62 1.87
CA GLY A 448 30.70 19.88 3.12
C GLY A 448 32.08 19.27 3.22
N ASP A 449 32.58 18.69 2.12
CA ASP A 449 33.97 18.24 2.08
C ASP A 449 34.92 19.43 1.95
N ALA A 450 34.62 20.35 1.04
CA ALA A 450 35.53 21.46 0.79
C ALA A 450 35.34 22.59 1.79
N THR A 451 34.18 23.25 1.76
CA THR A 451 33.93 24.45 2.57
C THR A 451 33.44 23.98 3.93
N ASP A 452 34.31 24.06 4.94
CA ASP A 452 34.04 23.35 6.19
C ASP A 452 33.37 24.23 7.24
N ASN A 453 34.06 25.27 7.73
CA ASN A 453 33.41 26.13 8.72
C ASN A 453 32.87 27.41 8.09
N MET A 454 33.79 28.32 7.77
CA MET A 454 33.62 29.51 6.92
C MET A 454 32.62 30.57 7.38
N GLN A 455 31.81 30.28 8.42
CA GLN A 455 30.68 31.09 8.86
C GLN A 455 30.11 30.41 10.09
N GLY A 456 29.43 31.19 10.93
CA GLY A 456 28.62 30.65 12.01
C GLY A 456 27.26 30.11 11.58
N VAL A 457 26.98 30.12 10.28
CA VAL A 457 25.76 29.56 9.68
C VAL A 457 26.21 28.72 8.48
N LEU A 458 25.58 27.56 8.27
CA LEU A 458 25.89 26.75 7.09
C LEU A 458 25.48 27.50 5.83
N GLU A 459 26.43 27.60 4.90
CA GLU A 459 26.28 28.49 3.76
C GLU A 459 25.30 27.98 2.72
N SER A 460 24.99 26.68 2.74
CA SER A 460 24.10 26.13 1.74
C SER A 460 22.66 26.57 1.95
N PHE A 461 22.29 26.86 3.20
CA PHE A 461 20.96 27.42 3.46
C PHE A 461 20.87 28.86 2.99
N LEU A 462 21.80 29.71 3.46
CA LEU A 462 21.78 31.12 3.10
C LEU A 462 22.07 31.32 1.63
N GLY A 463 22.75 30.37 1.00
CA GLY A 463 22.92 30.36 -0.42
C GLY A 463 21.61 30.23 -1.14
N THR A 464 20.87 29.16 -0.87
CA THR A 464 19.59 29.01 -1.55
C THR A 464 18.51 29.91 -1.00
N ALA A 465 18.78 30.65 0.08
CA ALA A 465 17.83 31.61 0.58
C ALA A 465 17.66 32.77 -0.39
N VAL A 466 18.76 33.48 -0.67
CA VAL A 466 18.65 34.71 -1.45
C VAL A 466 18.56 34.41 -2.94
N SER A 467 19.13 33.28 -3.38
CA SER A 467 19.29 33.02 -4.81
C SER A 467 17.98 32.68 -5.47
N GLY A 468 17.03 32.13 -4.73
CA GLY A 468 15.73 31.90 -5.31
C GLY A 468 14.85 33.09 -5.03
N ALA A 469 15.20 33.84 -3.98
CA ALA A 469 14.40 34.97 -3.56
C ALA A 469 14.42 36.09 -4.59
N ILE A 470 15.61 36.49 -5.04
CA ILE A 470 15.68 37.52 -6.05
C ILE A 470 15.30 36.96 -7.41
N PHE A 471 15.40 35.65 -7.60
CA PHE A 471 14.98 35.04 -8.85
C PHE A 471 13.46 35.04 -8.97
N CYS A 472 12.79 34.37 -8.04
CA CYS A 472 11.39 34.02 -8.20
C CYS A 472 10.45 35.16 -7.88
N LEU A 473 10.92 36.40 -7.81
CA LEU A 473 9.99 37.52 -7.83
C LEU A 473 9.27 37.49 -9.17
N PHE A 474 10.02 37.78 -10.24
CA PHE A 474 9.57 37.55 -11.61
C PHE A 474 10.80 37.29 -12.46
N ALA A 475 10.84 36.14 -13.10
CA ALA A 475 11.97 35.77 -13.91
C ALA A 475 11.57 35.00 -15.15
N GLY A 476 10.42 35.32 -15.76
CA GLY A 476 10.02 34.52 -16.90
C GLY A 476 9.52 33.16 -16.50
N GLN A 477 8.28 33.09 -16.00
CA GLN A 477 7.58 31.98 -15.32
C GLN A 477 8.44 31.46 -14.17
N PRO A 478 8.40 32.15 -13.04
CA PRO A 478 9.24 31.78 -11.89
C PRO A 478 8.69 30.62 -11.08
N LEU A 479 7.80 29.84 -11.68
CA LEU A 479 7.35 28.59 -11.10
C LEU A 479 8.51 27.65 -10.85
N THR A 480 9.55 27.71 -11.67
CA THR A 480 10.78 26.97 -11.41
C THR A 480 11.43 27.43 -10.12
N ILE A 481 12.15 26.50 -9.49
CA ILE A 481 12.85 26.73 -8.24
C ILE A 481 14.33 26.56 -8.50
N LEU A 482 15.12 27.52 -8.06
CA LEU A 482 16.56 27.33 -8.13
C LEU A 482 17.01 26.52 -6.92
N SER A 483 17.94 25.61 -7.16
CA SER A 483 18.61 24.87 -6.09
C SER A 483 19.95 24.44 -6.62
N SER A 484 20.61 23.53 -5.90
CA SER A 484 21.82 22.95 -6.43
C SER A 484 21.47 21.67 -7.17
N THR A 485 22.40 21.22 -8.01
CA THR A 485 22.12 20.08 -8.88
C THR A 485 23.30 19.12 -8.87
N GLY A 486 23.14 18.03 -9.60
CA GLY A 486 24.15 17.02 -9.77
C GLY A 486 25.48 17.45 -10.37
N PRO A 487 25.47 17.91 -11.64
CA PRO A 487 26.75 18.17 -12.32
C PRO A 487 27.61 19.25 -11.71
N VAL A 488 27.02 20.24 -11.05
CA VAL A 488 27.84 21.27 -10.42
C VAL A 488 28.56 20.69 -9.21
N LEU A 489 27.94 19.73 -8.54
CA LEU A 489 28.55 19.11 -7.37
C LEU A 489 29.76 18.27 -7.75
N VAL A 490 29.65 17.46 -8.81
CA VAL A 490 30.75 16.60 -9.19
C VAL A 490 31.87 17.40 -9.84
N PHE A 491 31.56 18.57 -10.38
CA PHE A 491 32.60 19.45 -10.89
C PHE A 491 33.46 20.00 -9.75
N GLU A 492 32.83 20.36 -8.64
CA GLU A 492 33.57 20.96 -7.55
C GLU A 492 34.37 19.94 -6.78
N ARG A 493 34.03 18.65 -6.89
CA ARG A 493 34.95 17.62 -6.44
C ARG A 493 36.21 17.60 -7.28
N LEU A 494 36.03 17.76 -8.61
CA LEU A 494 37.17 17.78 -9.51
C LEU A 494 38.01 19.03 -9.32
N LEU A 495 37.38 20.19 -9.18
CA LEU A 495 38.11 21.44 -9.05
C LEU A 495 38.83 21.54 -7.71
N PHE A 496 38.32 20.91 -6.67
CA PHE A 496 39.04 20.91 -5.41
C PHE A 496 40.29 20.05 -5.51
N ASN A 497 40.20 18.91 -6.19
CA ASN A 497 41.38 18.11 -6.44
C ASN A 497 42.29 18.72 -7.50
N PHE A 498 41.72 19.48 -8.44
CA PHE A 498 42.54 20.25 -9.37
C PHE A 498 43.25 21.40 -8.68
N SER A 499 42.73 21.86 -7.55
CA SER A 499 43.41 22.85 -6.74
C SER A 499 43.98 22.26 -5.46
N LYS A 500 44.00 20.93 -5.34
CA LYS A 500 44.64 20.29 -4.20
C LYS A 500 46.15 20.29 -4.34
N ASP A 501 46.68 20.37 -5.55
CA ASP A 501 48.12 20.45 -5.79
C ASP A 501 48.68 21.87 -5.60
N ASN A 502 47.92 22.74 -4.92
CA ASN A 502 48.34 24.07 -4.48
C ASN A 502 48.71 24.95 -5.69
N ASN A 503 47.68 25.27 -6.48
CA ASN A 503 47.80 26.34 -7.48
C ASN A 503 47.51 27.70 -6.85
N PHE A 504 48.12 27.97 -5.69
CA PHE A 504 48.24 29.24 -4.96
C PHE A 504 46.92 29.75 -4.38
N ASP A 505 45.80 29.18 -4.80
CA ASP A 505 44.48 29.76 -4.63
C ASP A 505 43.46 28.63 -4.70
N TYR A 506 42.50 28.62 -3.78
CA TYR A 506 41.33 27.79 -4.00
C TYR A 506 40.03 28.59 -4.10
N LEU A 507 39.65 29.29 -3.04
CA LEU A 507 38.34 29.95 -3.03
C LEU A 507 38.35 31.19 -3.90
N GLU A 508 39.40 32.00 -3.78
CA GLU A 508 39.62 33.12 -4.68
C GLU A 508 39.92 32.69 -6.09
N PHE A 509 40.39 31.46 -6.30
CA PHE A 509 40.44 30.91 -7.65
C PHE A 509 39.04 30.71 -8.21
N ARG A 510 38.12 30.23 -7.36
CA ARG A 510 36.73 30.04 -7.75
C ARG A 510 36.03 31.35 -8.08
N LEU A 511 36.52 32.47 -7.53
CA LEU A 511 36.03 33.78 -7.92
C LEU A 511 36.19 34.01 -9.41
N TRP A 512 37.44 33.92 -9.89
CA TRP A 512 37.67 34.14 -11.32
C TRP A 512 37.17 32.99 -12.17
N ILE A 513 36.93 31.82 -11.57
CA ILE A 513 36.10 30.83 -12.25
C ILE A 513 34.68 31.36 -12.39
N GLY A 514 34.13 31.88 -11.30
CA GLY A 514 32.74 32.31 -11.34
C GLY A 514 32.52 33.61 -12.07
N LEU A 515 33.49 34.53 -12.02
CA LEU A 515 33.26 35.87 -12.55
C LEU A 515 33.25 35.87 -14.07
N TRP A 516 34.24 35.23 -14.71
CA TRP A 516 34.26 35.24 -16.16
C TRP A 516 33.21 34.32 -16.75
N SER A 517 32.79 33.30 -15.99
CA SER A 517 31.70 32.46 -16.44
C SER A 517 30.38 33.22 -16.48
N ALA A 518 30.20 34.17 -15.57
CA ALA A 518 29.06 35.07 -15.69
C ALA A 518 29.24 36.01 -16.86
N PHE A 519 30.46 36.44 -17.12
CA PHE A 519 30.74 37.32 -18.24
C PHE A 519 30.48 36.61 -19.56
N LEU A 520 30.86 35.33 -19.64
CA LEU A 520 30.48 34.51 -20.79
C LEU A 520 28.98 34.29 -20.84
N CYS A 521 28.34 34.21 -19.69
CA CYS A 521 26.89 34.10 -19.68
C CYS A 521 26.23 35.40 -20.12
N LEU A 522 26.86 36.54 -19.80
CA LEU A 522 26.32 37.81 -20.24
C LEU A 522 26.53 38.04 -21.74
N ILE A 523 27.48 37.37 -22.35
CA ILE A 523 27.59 37.42 -23.80
C ILE A 523 26.53 36.53 -24.44
N LEU A 524 26.27 35.38 -23.82
CA LEU A 524 25.30 34.45 -24.37
C LEU A 524 23.88 34.94 -24.23
N VAL A 525 23.59 35.77 -23.22
CA VAL A 525 22.27 36.38 -23.18
C VAL A 525 22.18 37.49 -24.22
N ALA A 526 23.31 38.07 -24.62
CA ALA A 526 23.27 39.13 -25.62
C ALA A 526 23.07 38.55 -27.02
N THR A 527 23.86 37.54 -27.37
CA THR A 527 23.83 36.98 -28.71
C THR A 527 22.50 36.29 -29.04
N ASP A 528 22.26 35.13 -28.41
CA ASP A 528 21.07 34.32 -28.64
C ASP A 528 21.05 33.18 -27.63
N ALA A 529 19.89 32.94 -27.02
CA ALA A 529 19.61 31.69 -26.30
C ALA A 529 18.24 31.23 -26.76
N SER A 530 18.19 30.55 -27.90
CA SER A 530 16.92 30.09 -28.46
C SER A 530 17.22 28.87 -29.32
N PHE A 531 17.03 27.68 -28.76
CA PHE A 531 17.30 26.43 -29.46
C PHE A 531 16.04 25.60 -29.64
N LEU A 532 14.87 26.21 -29.46
CA LEU A 532 13.64 25.44 -29.33
C LEU A 532 13.20 24.83 -30.66
N VAL A 533 12.97 25.67 -31.67
CA VAL A 533 12.19 25.25 -32.83
C VAL A 533 12.91 24.31 -33.79
N GLN A 534 14.15 23.91 -33.50
CA GLN A 534 14.76 22.85 -34.29
C GLN A 534 15.58 21.84 -33.48
N TYR A 535 15.58 21.91 -32.16
CA TYR A 535 16.37 20.93 -31.42
C TYR A 535 15.57 20.12 -30.41
N PHE A 536 14.60 20.71 -29.72
CA PHE A 536 13.94 20.06 -28.59
C PHE A 536 12.50 19.68 -28.89
N THR A 537 12.25 19.11 -30.07
CA THR A 537 10.90 18.90 -30.59
C THR A 537 10.34 17.54 -30.18
N ARG A 538 9.95 17.46 -28.89
CA ARG A 538 9.09 16.42 -28.29
C ARG A 538 9.77 15.06 -28.17
N PHE A 539 10.92 14.92 -28.80
CA PHE A 539 11.78 13.78 -28.60
C PHE A 539 13.06 14.35 -28.00
N THR A 540 13.63 13.62 -27.04
CA THR A 540 14.78 14.05 -26.23
C THR A 540 14.49 15.36 -25.49
N GLU A 541 13.25 15.56 -25.10
CA GLU A 541 12.95 16.52 -24.05
C GLU A 541 12.03 15.85 -23.04
N GLU A 542 11.20 14.92 -23.52
CA GLU A 542 10.78 13.83 -22.64
C GLU A 542 11.92 12.88 -22.40
N GLY A 543 12.74 12.65 -23.43
CA GLY A 543 13.86 11.73 -23.33
C GLY A 543 14.90 12.15 -22.33
N PHE A 544 14.93 13.41 -21.94
CA PHE A 544 15.69 13.80 -20.77
C PHE A 544 14.85 13.91 -19.52
N SER A 545 13.57 14.30 -19.65
CA SER A 545 12.69 14.37 -18.49
C SER A 545 12.46 12.99 -17.90
N SER A 546 12.31 11.99 -18.75
CA SER A 546 12.14 10.63 -18.31
C SER A 546 13.45 9.95 -18.00
N LEU A 547 14.57 10.65 -18.05
CA LEU A 547 15.81 10.10 -17.55
C LEU A 547 16.25 10.75 -16.26
N ILE A 548 16.02 12.05 -16.10
CA ILE A 548 16.40 12.67 -14.84
C ILE A 548 15.40 12.31 -13.75
N SER A 549 14.19 11.89 -14.12
CA SER A 549 13.29 11.31 -13.13
C SER A 549 13.81 9.97 -12.64
N PHE A 550 14.34 9.15 -13.56
CA PHE A 550 14.85 7.84 -13.17
C PHE A 550 16.09 7.94 -12.31
N ILE A 551 16.84 9.04 -12.44
CA ILE A 551 17.98 9.22 -11.55
C ILE A 551 17.50 9.64 -10.17
N PHE A 552 16.49 10.49 -10.13
CA PHE A 552 16.03 11.03 -8.85
C PHE A 552 15.28 9.98 -8.05
N ILE A 553 14.59 9.06 -8.72
CA ILE A 553 14.02 7.91 -8.04
C ILE A 553 15.12 6.99 -7.55
N TYR A 554 16.11 6.71 -8.40
CA TYR A 554 17.23 5.88 -7.99
C TYR A 554 18.09 6.57 -6.94
N ASP A 555 18.07 7.90 -6.88
CA ASP A 555 18.79 8.57 -5.80
C ASP A 555 18.06 8.41 -4.49
N ALA A 556 16.74 8.20 -4.53
CA ALA A 556 15.98 8.03 -3.29
C ALA A 556 16.33 6.72 -2.61
N PHE A 557 16.28 5.61 -3.35
CA PHE A 557 16.62 4.31 -2.77
C PHE A 557 18.07 4.24 -2.36
N LYS A 558 18.96 4.93 -3.08
CA LYS A 558 20.38 4.91 -2.71
C LYS A 558 20.61 5.61 -1.39
N LYS A 559 19.81 6.62 -1.08
CA LYS A 559 20.01 7.35 0.17
C LYS A 559 19.52 6.57 1.38
N MET A 560 18.89 5.42 1.20
CA MET A 560 18.50 4.59 2.32
C MET A 560 19.30 3.32 2.46
N ILE A 561 19.85 2.81 1.36
CA ILE A 561 20.81 1.73 1.48
C ILE A 561 22.08 2.26 2.13
N LYS A 562 22.39 3.53 1.92
CA LYS A 562 23.40 4.19 2.73
C LYS A 562 22.93 4.34 4.16
N LEU A 563 21.64 4.57 4.36
CA LEU A 563 21.10 4.61 5.72
C LEU A 563 21.10 3.24 6.36
N ALA A 564 20.80 2.20 5.56
CA ALA A 564 20.82 0.84 6.08
C ALA A 564 22.24 0.41 6.43
N ASP A 565 23.23 0.85 5.66
CA ASP A 565 24.61 0.53 5.98
C ASP A 565 25.14 1.35 7.15
N TYR A 566 24.44 2.41 7.52
CA TYR A 566 24.85 3.15 8.69
C TYR A 566 24.23 2.61 9.97
N TYR A 567 23.09 1.91 9.85
CA TYR A 567 22.38 1.32 10.98
C TYR A 567 22.21 -0.17 10.75
N PRO A 568 23.21 -0.99 11.05
CA PRO A 568 23.14 -2.41 10.68
C PRO A 568 22.50 -3.31 11.73
N ILE A 569 21.64 -4.20 11.25
CA ILE A 569 20.87 -5.12 12.08
C ILE A 569 21.79 -6.22 12.58
N ASN A 570 21.62 -6.63 13.85
CA ASN A 570 22.44 -7.73 14.35
C ASN A 570 21.99 -9.09 13.83
N SER A 571 20.69 -9.26 13.61
CA SER A 571 20.10 -10.43 12.93
C SER A 571 20.42 -11.75 13.62
N ASN A 572 20.53 -11.73 14.95
CA ASN A 572 20.87 -12.95 15.69
C ASN A 572 20.31 -12.80 17.09
N PHE A 573 19.13 -13.36 17.33
CA PHE A 573 18.42 -13.09 18.57
C PHE A 573 17.59 -14.29 19.01
N LYS A 574 16.62 -14.00 19.88
CA LYS A 574 15.62 -14.81 20.57
C LYS A 574 16.26 -15.59 21.73
N VAL A 575 17.59 -15.64 21.80
CA VAL A 575 18.24 -16.30 22.93
C VAL A 575 18.23 -15.39 24.15
N GLY A 576 18.82 -14.21 24.02
CA GLY A 576 18.84 -13.26 25.11
C GLY A 576 20.21 -12.67 25.34
N TYR A 577 20.75 -12.89 26.54
CA TYR A 577 22.01 -12.27 26.93
C TYR A 577 23.18 -13.04 26.34
N ASN A 578 23.46 -12.75 25.08
CA ASN A 578 24.73 -13.09 24.47
C ASN A 578 25.26 -11.95 23.62
N THR A 579 24.55 -10.84 23.55
CA THR A 579 24.91 -9.72 22.69
C THR A 579 25.11 -8.46 23.53
N LEU A 580 25.89 -8.56 24.59
CA LEU A 580 26.33 -7.36 25.30
C LEU A 580 27.41 -6.65 24.49
N PHE A 581 27.46 -5.32 24.63
CA PHE A 581 28.26 -4.49 23.74
C PHE A 581 29.64 -4.15 24.28
N SER A 582 29.82 -4.17 25.60
CA SER A 582 31.11 -3.87 26.19
C SER A 582 31.25 -4.52 27.56
N VAL A 638 35.13 0.29 22.16
CA VAL A 638 36.03 -0.52 22.95
C VAL A 638 35.24 -1.55 23.75
N GLY A 639 34.62 -2.48 23.03
CA GLY A 639 33.82 -3.53 23.65
C GLY A 639 33.94 -4.82 22.88
N ASN A 640 32.82 -5.50 22.69
CA ASN A 640 32.84 -6.79 22.00
C ASN A 640 31.45 -7.11 21.44
N ASN A 641 31.41 -7.50 20.17
CA ASN A 641 30.37 -8.35 19.58
C ASN A 641 29.00 -7.71 19.40
N CYS A 642 28.76 -6.53 19.94
CA CYS A 642 27.43 -5.94 19.80
C CYS A 642 27.46 -4.44 19.64
N ASN A 643 28.49 -3.89 19.00
CA ASN A 643 28.58 -2.44 18.88
C ASN A 643 27.91 -1.94 17.62
N PHE A 644 26.67 -2.39 17.38
CA PHE A 644 25.91 -2.01 16.19
C PHE A 644 24.43 -2.03 16.55
N VAL A 645 23.68 -1.08 15.98
CA VAL A 645 22.43 -0.60 16.55
C VAL A 645 21.31 -1.56 16.20
N PRO A 646 20.24 -1.63 16.98
CA PRO A 646 19.01 -2.27 16.49
C PRO A 646 18.02 -1.25 15.92
N ASP A 647 16.99 -1.81 15.30
CA ASP A 647 15.64 -1.28 15.06
C ASP A 647 15.47 0.19 14.72
N ILE A 648 16.38 0.78 13.97
CA ILE A 648 16.11 2.03 13.27
C ILE A 648 15.74 1.77 11.82
N THR A 649 16.51 0.92 11.14
CA THR A 649 16.30 0.71 9.72
C THR A 649 15.03 -0.07 9.43
N LEU A 650 14.59 -0.91 10.35
CA LEU A 650 13.31 -1.58 10.13
C LEU A 650 12.16 -0.62 10.36
N MET A 651 12.34 0.36 11.25
CA MET A 651 11.36 1.42 11.38
C MET A 651 11.34 2.29 10.14
N SER A 652 12.51 2.49 9.52
CA SER A 652 12.63 3.48 8.46
C SER A 652 11.89 3.05 7.20
N PHE A 653 11.95 1.76 6.86
CA PHE A 653 11.21 1.31 5.69
C PHE A 653 9.71 1.24 5.93
N ILE A 654 9.25 1.35 7.18
CA ILE A 654 7.81 1.49 7.41
C ILE A 654 7.36 2.89 7.02
N LEU A 655 8.10 3.89 7.49
CA LEU A 655 7.78 5.28 7.20
C LEU A 655 7.94 5.58 5.72
N PHE A 656 9.01 5.06 5.13
CA PHE A 656 9.34 5.41 3.76
C PHE A 656 8.33 4.83 2.78
N LEU A 657 8.11 3.52 2.83
CA LEU A 657 7.13 2.90 1.95
C LEU A 657 5.71 3.34 2.30
N GLY A 658 5.49 3.70 3.57
CA GLY A 658 4.18 4.18 3.95
C GLY A 658 3.84 5.51 3.30
N THR A 659 4.74 6.49 3.46
CA THR A 659 4.45 7.83 2.97
C THR A 659 4.56 7.95 1.46
N TYR A 660 5.07 6.94 0.77
CA TYR A 660 4.78 6.88 -0.65
C TYR A 660 3.40 6.30 -0.90
N THR A 661 3.06 5.20 -0.22
CA THR A 661 1.76 4.59 -0.45
C THR A 661 0.65 5.45 0.12
N SER A 662 0.94 6.23 1.15
CA SER A 662 -0.06 7.17 1.65
C SER A 662 -0.29 8.30 0.65
N SER A 663 0.80 8.94 0.21
CA SER A 663 0.68 10.14 -0.61
C SER A 663 0.13 9.83 -1.98
N MET A 664 0.43 8.68 -2.54
CA MET A 664 -0.16 8.30 -3.81
C MET A 664 -1.61 7.88 -3.64
N ALA A 665 -2.02 7.53 -2.42
CA ALA A 665 -3.42 7.18 -2.20
C ALA A 665 -4.30 8.42 -2.08
N LEU A 666 -3.85 9.43 -1.34
CA LEU A 666 -4.65 10.63 -1.17
C LEU A 666 -4.72 11.47 -2.44
N LYS A 667 -3.78 11.30 -3.37
CA LYS A 667 -3.96 11.95 -4.66
C LYS A 667 -4.96 11.22 -5.53
N LYS A 668 -5.00 9.90 -5.45
CA LYS A 668 -6.06 9.14 -6.12
C LYS A 668 -7.38 9.20 -5.39
N PHE A 669 -7.41 9.80 -4.20
CA PHE A 669 -8.63 9.97 -3.42
C PHE A 669 -9.59 10.95 -4.08
N LYS A 670 -9.07 11.79 -4.98
CA LYS A 670 -9.85 12.83 -5.63
C LYS A 670 -10.99 12.26 -6.49
N THR A 671 -10.81 11.07 -7.05
CA THR A 671 -11.88 10.47 -7.85
C THR A 671 -12.81 9.60 -7.03
N SER A 672 -12.47 9.26 -5.79
CA SER A 672 -13.26 8.33 -5.00
C SER A 672 -14.47 9.04 -4.42
N PRO A 673 -15.69 8.55 -4.64
CA PRO A 673 -16.89 9.29 -4.23
C PRO A 673 -17.19 9.25 -2.75
N TYR A 674 -16.44 8.55 -1.91
CA TYR A 674 -16.91 8.27 -0.56
C TYR A 674 -16.50 9.33 0.45
N PHE A 675 -16.73 10.61 0.09
CA PHE A 675 -16.58 11.85 0.86
C PHE A 675 -17.07 13.07 0.09
N PRO A 676 -17.51 14.14 0.76
CA PRO A 676 -18.08 15.29 0.04
C PRO A 676 -17.04 16.03 -0.79
N THR A 677 -17.52 16.60 -1.90
CA THR A 677 -16.66 17.03 -2.99
C THR A 677 -15.81 18.24 -2.60
N THR A 678 -16.42 19.26 -2.00
CA THR A 678 -15.68 20.46 -1.65
C THR A 678 -14.75 20.26 -0.46
N ALA A 679 -14.84 19.13 0.24
CA ALA A 679 -13.78 18.71 1.14
C ALA A 679 -12.84 17.72 0.51
N ARG A 680 -13.28 17.05 -0.55
CA ARG A 680 -12.39 16.12 -1.25
C ARG A 680 -11.31 16.88 -2.01
N LYS A 681 -11.62 18.07 -2.52
CA LYS A 681 -10.59 18.88 -3.13
C LYS A 681 -9.62 19.41 -2.09
N LEU A 682 -10.10 19.66 -0.87
CA LEU A 682 -9.22 20.20 0.16
C LEU A 682 -8.27 19.13 0.68
N ILE A 683 -8.66 17.87 0.62
CA ILE A 683 -7.78 16.81 1.08
C ILE A 683 -6.89 16.30 -0.04
N SER A 684 -7.33 16.41 -1.29
CA SER A 684 -6.49 16.03 -2.42
C SER A 684 -5.47 17.08 -2.78
N ASP A 685 -5.35 18.15 -2.01
CA ASP A 685 -4.33 19.16 -2.23
C ASP A 685 -3.45 19.39 -1.01
N PHE A 686 -3.97 19.14 0.18
CA PHE A 686 -3.14 19.02 1.36
C PHE A 686 -2.59 17.63 1.54
N ALA A 687 -2.55 16.83 0.47
CA ALA A 687 -2.29 15.41 0.57
C ALA A 687 -0.89 15.14 1.07
N ILE A 688 0.10 15.88 0.59
CA ILE A 688 1.48 15.53 0.90
C ILE A 688 1.84 15.98 2.30
N ILE A 689 1.41 17.18 2.71
CA ILE A 689 1.87 17.76 3.97
C ILE A 689 1.34 16.99 5.17
N LEU A 690 0.09 16.58 5.16
CA LEU A 690 -0.38 15.83 6.31
C LEU A 690 0.05 14.37 6.23
N SER A 691 0.40 13.88 5.05
CA SER A 691 1.07 12.59 4.98
C SER A 691 2.44 12.65 5.62
N ILE A 692 3.05 13.83 5.67
CA ILE A 692 4.23 13.97 6.50
C ILE A 692 3.82 14.03 7.97
N LEU A 693 2.67 14.65 8.26
CA LEU A 693 2.26 14.81 9.66
C LEU A 693 1.78 13.50 10.27
N ILE A 694 1.08 12.67 9.48
CA ILE A 694 0.61 11.38 9.97
C ILE A 694 1.78 10.49 10.34
N PHE A 695 2.77 10.39 9.47
CA PHE A 695 3.92 9.61 9.83
C PHE A 695 4.93 10.38 10.67
N CYS A 696 4.71 11.67 10.92
CA CYS A 696 5.52 12.35 11.93
C CYS A 696 5.15 11.85 13.32
N VAL A 697 3.87 11.67 13.59
CA VAL A 697 3.44 11.31 14.93
C VAL A 697 3.51 9.80 15.16
N ILE A 698 3.48 9.00 14.09
CA ILE A 698 3.72 7.57 14.23
C ILE A 698 5.16 7.33 14.65
N ASP A 699 6.07 8.18 14.19
CA ASP A 699 7.41 8.19 14.74
C ASP A 699 7.41 8.67 16.19
N ALA A 700 6.46 9.53 16.55
CA ALA A 700 6.46 10.02 17.92
C ALA A 700 5.91 8.97 18.88
N LEU A 701 4.85 8.26 18.47
CA LEU A 701 4.24 7.25 19.33
C LEU A 701 5.18 6.07 19.53
N VAL A 702 5.67 5.49 18.44
CA VAL A 702 6.65 4.42 18.52
C VAL A 702 7.96 5.04 19.00
N GLY A 703 8.37 4.69 20.21
CA GLY A 703 9.41 5.44 20.90
C GLY A 703 10.81 5.34 20.34
N VAL A 704 11.03 4.58 19.29
CA VAL A 704 12.37 4.48 18.72
C VAL A 704 12.65 5.75 17.92
N ASP A 705 13.91 6.16 17.91
CA ASP A 705 14.32 7.30 17.12
C ASP A 705 14.74 6.84 15.73
N THR A 706 15.37 7.73 14.99
CA THR A 706 15.62 7.65 13.56
C THR A 706 16.51 8.84 13.25
N PRO A 707 17.14 8.94 12.09
CA PRO A 707 17.69 10.23 11.69
C PRO A 707 16.58 11.23 11.43
N LYS A 708 16.83 12.47 11.83
CA LYS A 708 15.86 13.55 11.74
C LYS A 708 16.57 14.77 11.18
N LEU A 709 15.80 15.79 10.82
CA LEU A 709 16.39 17.02 10.30
C LEU A 709 17.13 17.78 11.40
N ILE A 710 18.29 18.31 11.05
CA ILE A 710 19.02 19.19 11.94
C ILE A 710 19.63 20.31 11.09
N VAL A 711 19.08 21.51 11.21
CA VAL A 711 19.36 22.61 10.28
C VAL A 711 20.61 23.47 10.55
N PRO A 712 20.99 23.87 11.78
CA PRO A 712 22.07 24.85 11.75
C PRO A 712 23.45 24.22 11.60
N TRP A 735 48.48 35.08 -14.07
CA TRP A 735 48.60 33.64 -14.28
C TRP A 735 47.43 32.93 -13.64
N VAL A 736 46.86 33.56 -12.62
CA VAL A 736 45.67 33.01 -11.99
C VAL A 736 44.45 33.24 -12.86
N CYS A 737 44.38 34.41 -13.49
CA CYS A 737 43.17 34.83 -14.18
C CYS A 737 42.95 34.03 -15.46
N LEU A 738 43.92 34.03 -16.38
CA LEU A 738 43.70 33.43 -17.68
C LEU A 738 43.69 31.90 -17.59
N ALA A 739 44.30 31.35 -16.55
CA ALA A 739 44.15 29.92 -16.31
C ALA A 739 42.75 29.61 -15.81
N ALA A 740 42.09 30.59 -15.20
CA ALA A 740 40.72 30.40 -14.74
C ALA A 740 39.73 30.69 -15.85
N ALA A 741 40.21 31.10 -17.02
CA ALA A 741 39.30 31.30 -18.15
C ALA A 741 38.75 29.98 -18.66
N ILE A 742 39.62 28.99 -18.83
CA ILE A 742 39.21 27.77 -19.53
C ILE A 742 38.29 26.85 -18.74
N PRO A 743 38.34 26.77 -17.40
CA PRO A 743 37.21 26.08 -16.74
C PRO A 743 35.96 26.91 -16.71
N ALA A 744 36.10 28.24 -16.74
CA ALA A 744 34.92 29.08 -16.86
C ALA A 744 34.31 28.96 -18.25
N LEU A 745 35.11 28.54 -19.23
CA LEU A 745 34.55 28.18 -20.53
C LEU A 745 33.72 26.92 -20.43
N LEU A 746 34.02 26.07 -19.45
CA LEU A 746 33.33 24.79 -19.35
C LEU A 746 32.01 24.93 -18.59
N VAL A 747 32.03 25.65 -17.46
CA VAL A 747 30.85 25.70 -16.61
C VAL A 747 29.77 26.58 -17.22
N THR A 748 30.16 27.49 -18.11
CA THR A 748 29.15 28.29 -18.76
C THR A 748 28.49 27.52 -19.90
N ILE A 749 29.01 26.34 -20.22
CA ILE A 749 28.29 25.47 -21.15
C ILE A 749 27.14 24.80 -20.41
N LEU A 750 27.44 24.14 -19.30
CA LEU A 750 26.46 23.27 -18.65
C LEU A 750 25.35 24.08 -17.98
N ILE A 751 25.71 25.19 -17.34
CA ILE A 751 24.77 26.07 -16.68
C ILE A 751 23.85 26.71 -17.72
N PHE A 752 24.40 26.99 -18.90
CA PHE A 752 23.54 27.36 -20.02
C PHE A 752 22.67 26.18 -20.43
N MET A 753 23.27 25.01 -20.64
CA MET A 753 22.53 23.89 -21.19
C MET A 753 21.52 23.33 -20.20
N ASP A 754 21.80 23.43 -18.89
CA ASP A 754 20.84 22.96 -17.90
C ASP A 754 19.61 23.85 -17.87
N GLN A 755 19.78 25.14 -18.16
CA GLN A 755 18.68 26.09 -18.00
C GLN A 755 17.57 25.87 -19.01
N GLN A 756 17.94 25.52 -20.25
CA GLN A 756 16.93 25.33 -21.29
C GLN A 756 16.07 24.10 -21.03
N ILE A 757 16.71 22.97 -20.71
CA ILE A 757 15.95 21.75 -20.50
C ILE A 757 15.22 21.73 -19.17
N THR A 758 15.62 22.58 -18.22
CA THR A 758 14.79 22.85 -17.06
C THR A 758 13.79 23.95 -17.32
N ALA A 759 13.70 24.43 -18.55
CA ALA A 759 12.66 25.37 -18.93
C ALA A 759 11.71 24.80 -19.97
N VAL A 760 12.22 24.05 -20.95
CA VAL A 760 11.35 23.55 -22.02
C VAL A 760 10.45 22.44 -21.53
N ILE A 761 10.81 21.77 -20.44
CA ILE A 761 9.87 20.84 -19.83
C ILE A 761 8.86 21.55 -18.95
N VAL A 762 9.09 22.82 -18.64
CA VAL A 762 8.22 23.56 -17.73
C VAL A 762 7.30 24.38 -18.60
N ASN A 763 7.77 24.73 -19.80
CA ASN A 763 6.95 25.44 -20.77
C ASN A 763 5.76 24.61 -21.18
N ARG A 764 6.01 23.48 -21.87
CA ARG A 764 5.14 22.31 -21.92
C ARG A 764 3.70 22.64 -22.28
N LYS A 765 3.43 22.83 -23.58
CA LYS A 765 2.12 23.23 -24.11
C LYS A 765 0.95 22.41 -23.54
N GLU A 766 1.21 21.17 -23.08
CA GLU A 766 0.29 20.42 -22.22
C GLU A 766 -0.19 21.24 -21.02
N HIS A 767 0.71 21.97 -20.36
CA HIS A 767 0.26 22.86 -19.29
C HIS A 767 -0.41 24.06 -19.95
N LYS A 768 -1.73 24.00 -20.03
CA LYS A 768 -2.52 24.85 -20.89
C LYS A 768 -2.62 26.26 -20.31
N LEU A 769 -2.82 27.23 -21.22
CA LEU A 769 -3.26 28.60 -20.88
C LEU A 769 -2.28 29.34 -19.96
N LYS A 770 -1.00 29.27 -20.33
CA LYS A 770 -0.03 30.03 -19.56
C LYS A 770 -0.01 31.49 -20.01
N LYS A 771 0.77 32.29 -19.28
CA LYS A 771 0.79 33.73 -19.46
C LYS A 771 2.22 34.22 -19.56
N GLY A 772 2.98 33.61 -20.46
CA GLY A 772 4.29 34.11 -20.81
C GLY A 772 5.31 32.99 -20.97
N ALA A 773 6.46 33.35 -21.54
CA ALA A 773 7.54 32.39 -21.73
C ALA A 773 8.85 33.19 -21.78
N GLY A 774 9.54 33.28 -20.65
CA GLY A 774 10.77 34.04 -20.60
C GLY A 774 12.02 33.20 -20.70
N TYR A 775 12.76 33.31 -21.80
CA TYR A 775 13.94 32.49 -22.02
C TYR A 775 15.24 33.22 -21.81
N HIS A 776 15.25 34.54 -21.96
CA HIS A 776 16.50 35.28 -21.93
C HIS A 776 16.75 35.91 -20.57
N LEU A 777 15.73 36.50 -19.96
CA LEU A 777 15.95 37.29 -18.76
C LEU A 777 16.28 36.43 -17.56
N ASP A 778 15.72 35.22 -17.50
CA ASP A 778 16.11 34.28 -16.44
C ASP A 778 17.56 33.84 -16.62
N LEU A 779 17.97 33.64 -17.87
CA LEU A 779 19.36 33.36 -18.15
C LEU A 779 20.22 34.59 -17.88
N PHE A 780 19.62 35.77 -18.01
CA PHE A 780 20.24 36.98 -17.48
C PHE A 780 20.12 37.06 -15.96
N TRP A 781 19.03 36.51 -15.39
CA TRP A 781 18.90 36.54 -13.94
C TRP A 781 19.90 35.64 -13.26
N VAL A 782 20.19 34.46 -13.83
CA VAL A 782 21.13 33.56 -13.18
C VAL A 782 22.54 34.08 -13.26
N ALA A 783 22.84 34.94 -14.24
CA ALA A 783 24.15 35.56 -14.28
C ALA A 783 24.29 36.63 -13.21
N ILE A 784 23.19 37.30 -12.85
CA ILE A 784 23.23 38.31 -11.80
C ILE A 784 23.55 37.66 -10.46
N LEU A 785 22.83 36.60 -10.12
CA LEU A 785 23.07 35.93 -8.87
C LEU A 785 24.33 35.10 -8.87
N MET A 786 24.94 34.88 -10.04
CA MET A 786 26.16 34.11 -10.08
C MET A 786 27.32 34.87 -9.47
N VAL A 787 27.39 36.18 -9.70
CA VAL A 787 28.51 36.94 -9.15
C VAL A 787 28.32 37.19 -7.67
N ILE A 788 27.08 37.26 -7.18
CA ILE A 788 26.92 37.46 -5.75
C ILE A 788 27.12 36.14 -5.01
N CYS A 789 26.82 35.02 -5.66
CA CYS A 789 27.15 33.74 -5.06
C CYS A 789 28.64 33.46 -5.12
N SER A 790 29.30 33.91 -6.19
CA SER A 790 30.73 33.67 -6.30
C SER A 790 31.50 34.54 -5.32
N LEU A 791 31.02 35.74 -5.06
CA LEU A 791 31.75 36.66 -4.20
C LEU A 791 31.66 36.25 -2.73
N MET A 792 30.59 35.57 -2.34
CA MET A 792 30.36 35.23 -0.95
C MET A 792 30.67 33.78 -0.62
N ALA A 793 31.29 33.04 -1.55
CA ALA A 793 31.54 31.59 -1.48
C ALA A 793 30.24 30.82 -1.28
N LEU A 794 29.36 30.93 -2.28
CA LEU A 794 28.07 30.27 -2.33
C LEU A 794 27.96 29.43 -3.58
N PRO A 795 27.33 28.26 -3.51
CA PRO A 795 27.32 27.33 -4.65
C PRO A 795 26.42 27.81 -5.76
N TRP A 796 26.86 27.54 -7.00
CA TRP A 796 26.14 27.97 -8.19
C TRP A 796 24.82 27.22 -8.32
N TYR A 797 23.77 27.95 -8.69
CA TYR A 797 22.39 27.48 -8.54
C TYR A 797 21.61 27.60 -9.83
N VAL A 798 21.49 26.49 -10.55
CA VAL A 798 20.73 26.46 -11.79
C VAL A 798 19.33 25.97 -11.49
N ALA A 799 18.39 26.22 -12.39
CA ALA A 799 17.01 25.82 -12.18
C ALA A 799 16.79 24.32 -12.10
N ALA A 800 15.81 23.93 -11.29
CA ALA A 800 15.44 22.53 -11.08
C ALA A 800 14.66 21.95 -12.26
N THR A 801 14.59 20.63 -12.27
CA THR A 801 13.96 19.81 -13.29
C THR A 801 12.87 18.87 -12.75
N VAL A 802 13.09 18.28 -11.57
CA VAL A 802 12.08 17.42 -10.95
C VAL A 802 11.23 18.17 -9.93
N ILE A 803 11.77 19.16 -9.23
CA ILE A 803 10.99 19.88 -8.24
C ILE A 803 10.05 20.85 -8.91
N SER A 804 10.50 21.46 -10.02
CA SER A 804 9.66 22.41 -10.74
C SER A 804 8.47 21.74 -11.39
N ILE A 805 8.65 20.53 -11.92
CA ILE A 805 7.50 19.81 -12.45
C ILE A 805 6.69 19.21 -11.31
N ALA A 806 7.27 19.10 -10.11
CA ALA A 806 6.48 18.80 -8.93
C ALA A 806 5.88 20.04 -8.30
N HIS A 807 6.48 21.21 -8.52
CA HIS A 807 5.87 22.47 -8.14
C HIS A 807 4.56 22.67 -8.88
N ILE A 808 4.61 22.70 -10.21
CA ILE A 808 3.45 23.04 -11.01
C ILE A 808 2.45 21.90 -11.15
N ASP A 809 2.72 20.76 -10.53
CA ASP A 809 1.65 19.78 -10.36
C ASP A 809 0.61 20.28 -9.39
N SER A 810 1.06 20.92 -8.31
CA SER A 810 0.14 21.37 -7.28
C SER A 810 -0.71 22.53 -7.75
N LEU A 811 -0.10 23.48 -8.46
CA LEU A 811 -0.73 24.76 -8.76
C LEU A 811 -1.59 24.65 -10.01
N LYS A 812 -2.64 23.85 -9.92
CA LYS A 812 -3.51 23.72 -11.08
C LYS A 812 -4.95 23.44 -10.64
N MET A 813 -5.89 23.93 -11.45
CA MET A 813 -7.31 23.80 -11.18
C MET A 813 -7.86 22.58 -11.90
N GLU A 814 -9.18 22.43 -11.90
CA GLU A 814 -9.89 21.50 -12.75
C GLU A 814 -11.16 22.13 -13.30
N PHE A 826 -8.97 20.16 -17.30
CA PHE A 826 -7.68 20.61 -16.81
C PHE A 826 -7.72 22.08 -16.41
N LEU A 827 -8.01 22.93 -17.39
CA LEU A 827 -8.30 24.36 -17.23
C LEU A 827 -7.14 25.13 -16.59
N GLY A 828 -6.03 25.17 -17.32
CA GLY A 828 -4.91 26.06 -16.98
C GLY A 828 -4.16 25.63 -15.75
N VAL A 829 -3.12 26.40 -15.41
CA VAL A 829 -2.50 26.13 -14.11
C VAL A 829 -2.60 27.31 -13.15
N ARG A 830 -1.75 28.32 -13.29
CA ARG A 830 -1.57 29.45 -12.38
C ARG A 830 -0.51 30.36 -12.97
N GLU A 831 -0.28 31.48 -12.29
CA GLU A 831 0.93 32.27 -12.46
C GLU A 831 1.35 32.86 -11.12
N GLN A 832 1.34 32.04 -10.07
CA GLN A 832 1.55 32.54 -8.71
C GLN A 832 3.02 32.95 -8.55
N ARG A 833 3.22 34.15 -8.04
CA ARG A 833 4.59 34.63 -7.93
C ARG A 833 5.10 34.60 -6.49
N VAL A 834 4.20 34.55 -5.52
CA VAL A 834 4.67 34.56 -4.13
C VAL A 834 4.97 33.15 -3.66
N THR A 835 4.28 32.15 -4.21
CA THR A 835 4.47 30.77 -3.78
C THR A 835 5.85 30.28 -4.22
N GLY A 836 6.32 30.79 -5.34
CA GLY A 836 7.67 30.48 -5.76
C GLY A 836 8.71 31.19 -4.93
N THR A 837 8.32 32.25 -4.19
CA THR A 837 9.33 33.03 -3.51
C THR A 837 9.10 33.10 -2.00
N LEU A 838 7.95 32.66 -1.52
CA LEU A 838 7.81 32.51 -0.08
C LEU A 838 8.59 31.32 0.42
N VAL A 839 8.80 30.33 -0.46
CA VAL A 839 9.47 29.10 -0.07
C VAL A 839 10.94 29.36 0.21
N PHE A 840 11.48 30.42 -0.38
CA PHE A 840 12.86 30.76 -0.09
C PHE A 840 12.97 31.67 1.11
N ILE A 841 11.90 32.44 1.38
CA ILE A 841 11.87 33.25 2.59
C ILE A 841 11.78 32.37 3.82
N LEU A 842 10.91 31.35 3.77
CA LEU A 842 10.85 30.39 4.87
C LEU A 842 12.11 29.55 4.93
N THR A 843 12.75 29.32 3.80
CA THR A 843 14.08 28.73 3.82
C THR A 843 15.07 29.72 4.42
N GLY A 844 14.89 31.00 4.14
CA GLY A 844 15.75 32.01 4.72
C GLY A 844 15.61 32.09 6.23
N LEU A 845 14.40 31.90 6.74
CA LEU A 845 14.24 31.74 8.17
C LEU A 845 14.83 30.40 8.59
N SER A 846 16.11 30.44 8.93
CA SER A 846 16.92 29.25 9.14
C SER A 846 16.47 28.47 10.36
N VAL A 847 16.43 29.12 11.52
CA VAL A 847 15.97 28.45 12.72
C VAL A 847 14.46 28.21 12.66
N PHE A 848 13.66 29.28 12.60
CA PHE A 848 12.18 29.26 12.66
C PHE A 848 11.70 28.34 13.78
N MET A 849 12.31 28.55 14.96
CA MET A 849 12.22 27.67 16.12
C MET A 849 12.51 26.21 15.73
N ALA A 850 13.75 25.98 15.29
CA ALA A 850 14.28 24.73 14.74
C ALA A 850 13.94 23.46 15.52
N PRO A 851 13.68 23.49 16.83
CA PRO A 851 12.92 22.38 17.42
C PRO A 851 11.52 22.15 16.84
N ILE A 852 10.89 23.09 16.13
CA ILE A 852 9.65 22.73 15.46
C ILE A 852 9.95 21.94 14.19
N LEU A 853 11.19 21.97 13.71
CA LEU A 853 11.60 21.22 12.55
C LEU A 853 12.56 20.12 12.93
N LYS A 854 12.86 19.97 14.22
CA LYS A 854 13.79 18.94 14.65
C LYS A 854 13.10 17.59 14.74
N PHE A 855 11.85 17.52 15.21
CA PHE A 855 11.21 16.21 15.23
C PHE A 855 10.37 15.96 13.98
N ILE A 856 10.96 16.18 12.82
CA ILE A 856 10.52 15.57 11.58
C ILE A 856 11.57 14.52 11.20
N PRO A 857 11.16 13.27 10.99
CA PRO A 857 12.14 12.23 10.71
C PRO A 857 12.69 12.37 9.31
N MET A 858 13.99 12.16 9.18
CA MET A 858 14.61 12.20 7.86
C MET A 858 14.07 11.15 6.89
N PRO A 859 13.79 9.88 7.25
CA PRO A 859 13.25 8.97 6.24
C PRO A 859 11.84 9.24 5.78
N VAL A 860 11.07 10.11 6.41
CA VAL A 860 9.80 10.40 5.76
C VAL A 860 10.02 11.39 4.63
N LEU A 861 11.10 12.15 4.69
CA LEU A 861 11.40 13.09 3.64
C LEU A 861 12.02 12.43 2.43
N TYR A 862 12.59 11.24 2.58
CA TYR A 862 12.98 10.53 1.38
C TYR A 862 11.77 9.95 0.68
N GLY A 863 10.68 9.75 1.41
CA GLY A 863 9.47 9.29 0.76
C GLY A 863 8.85 10.35 -0.12
N VAL A 864 8.83 11.60 0.33
CA VAL A 864 8.27 12.63 -0.51
C VAL A 864 9.21 13.00 -1.64
N PHE A 865 10.47 12.57 -1.58
CA PHE A 865 11.28 12.59 -2.79
C PHE A 865 10.78 11.55 -3.79
N LEU A 866 10.53 10.33 -3.32
CA LEU A 866 10.10 9.29 -4.24
C LEU A 866 8.69 9.53 -4.75
N TYR A 867 7.88 10.28 -4.02
CA TYR A 867 6.62 10.69 -4.62
C TYR A 867 6.84 11.72 -5.72
N MET A 868 7.75 12.67 -5.49
CA MET A 868 8.00 13.65 -6.54
C MET A 868 8.71 13.05 -7.74
N GLY A 869 9.45 11.96 -7.54
CA GLY A 869 10.04 11.27 -8.67
C GLY A 869 9.00 10.61 -9.55
N VAL A 870 8.13 9.80 -8.95
CA VAL A 870 7.17 9.01 -9.71
C VAL A 870 6.11 9.91 -10.32
N ALA A 871 5.71 10.95 -9.60
CA ALA A 871 4.73 11.86 -10.17
C ALA A 871 5.32 12.81 -11.19
N SER A 872 6.65 12.89 -11.30
CA SER A 872 7.23 13.76 -12.31
C SER A 872 7.05 13.19 -13.71
N LEU A 873 7.03 11.87 -13.84
CA LEU A 873 6.81 11.22 -15.12
C LEU A 873 5.36 10.84 -15.34
N ASN A 874 4.43 11.61 -14.77
CA ASN A 874 3.02 11.31 -14.94
C ASN A 874 2.57 11.57 -16.37
N GLY A 875 2.64 12.81 -16.81
CA GLY A 875 2.07 13.21 -18.08
C GLY A 875 2.97 13.12 -19.28
N VAL A 876 4.15 12.50 -19.15
CA VAL A 876 5.05 12.39 -20.28
C VAL A 876 4.46 11.41 -21.30
N GLN A 877 4.82 11.60 -22.56
CA GLN A 877 4.30 10.74 -23.59
C GLN A 877 5.04 9.41 -23.61
N PHE A 878 6.29 9.42 -23.21
CA PHE A 878 7.15 8.25 -23.33
C PHE A 878 6.76 7.13 -22.39
N MET A 879 6.26 7.44 -21.20
CA MET A 879 5.76 6.39 -20.32
C MET A 879 4.48 5.77 -20.84
N ASP A 880 3.67 6.54 -21.58
CA ASP A 880 2.43 5.98 -22.12
C ASP A 880 2.68 4.98 -23.22
N ARG A 881 3.91 4.92 -23.76
CA ARG A 881 4.26 3.90 -24.73
C ARG A 881 5.27 2.89 -24.20
N LEU A 882 6.04 3.23 -23.16
CA LEU A 882 6.87 2.20 -22.56
C LEU A 882 6.01 1.20 -21.80
N LYS A 883 4.85 1.62 -21.33
CA LYS A 883 3.83 0.70 -20.83
C LYS A 883 2.90 0.21 -21.92
N LEU A 884 3.31 0.31 -23.19
CA LEU A 884 2.57 -0.28 -24.28
C LEU A 884 3.28 -1.50 -24.87
N LEU A 885 4.57 -1.67 -24.59
CA LEU A 885 5.24 -2.93 -24.88
C LEU A 885 4.61 -4.08 -24.11
N LEU A 886 4.21 -3.83 -22.86
CA LEU A 886 3.61 -4.86 -22.05
C LEU A 886 2.11 -4.99 -22.26
N MET A 887 1.55 -4.16 -23.09
CA MET A 887 0.11 -4.16 -23.29
C MET A 887 -0.23 -5.02 -24.51
N PRO A 888 -0.99 -6.10 -24.34
CA PRO A 888 -1.32 -6.95 -25.48
C PRO A 888 -2.28 -6.28 -26.45
N LEU A 889 -2.26 -6.76 -27.69
CA LEU A 889 -2.58 -5.94 -28.85
C LEU A 889 -4.05 -5.57 -28.95
N LYS A 890 -4.96 -6.41 -28.49
CA LYS A 890 -6.38 -6.14 -28.68
C LYS A 890 -6.88 -5.17 -27.60
N HIS A 891 -6.43 -3.93 -27.72
CA HIS A 891 -6.67 -2.89 -26.73
C HIS A 891 -6.68 -1.52 -27.40
N GLN A 892 -6.83 -0.49 -26.58
CA GLN A 892 -7.12 0.83 -27.11
C GLN A 892 -5.96 1.79 -26.87
N PRO A 893 -5.40 2.36 -27.93
CA PRO A 893 -4.50 3.51 -27.77
C PRO A 893 -5.25 4.84 -27.80
N ASP A 894 -4.47 5.92 -27.88
CA ASP A 894 -5.07 7.25 -27.87
C ASP A 894 -5.32 7.80 -29.27
N PHE A 895 -4.27 8.01 -30.07
CA PHE A 895 -4.37 8.79 -31.30
C PHE A 895 -4.76 7.90 -32.48
N ILE A 896 -5.34 8.53 -33.50
CA ILE A 896 -6.04 7.83 -34.58
C ILE A 896 -5.34 8.13 -35.90
N TYR A 897 -5.42 7.17 -36.83
CA TYR A 897 -5.29 7.29 -38.28
C TYR A 897 -3.85 7.38 -38.81
N LEU A 898 -2.85 7.57 -37.97
CA LEU A 898 -1.53 7.76 -38.58
C LEU A 898 -0.51 6.74 -38.10
N ARG A 899 -0.77 6.05 -36.99
CA ARG A 899 0.11 4.94 -36.64
C ARG A 899 -0.67 3.66 -36.38
N HIS A 900 -1.94 3.64 -36.76
CA HIS A 900 -2.73 2.43 -36.59
C HIS A 900 -2.40 1.38 -37.65
N VAL A 901 -1.92 1.82 -38.81
CA VAL A 901 -1.38 0.85 -39.77
C VAL A 901 0.07 0.56 -39.41
N PRO A 902 0.96 1.56 -39.11
CA PRO A 902 2.26 1.09 -38.56
C PRO A 902 2.23 0.90 -37.04
N LEU A 903 1.64 -0.23 -36.63
CA LEU A 903 1.68 -0.60 -35.23
C LEU A 903 3.09 -1.02 -34.84
N ARG A 904 3.78 -1.72 -35.74
CA ARG A 904 5.13 -2.19 -35.46
C ARG A 904 6.14 -1.06 -35.35
N ARG A 905 5.87 0.09 -35.98
CA ARG A 905 6.81 1.20 -35.91
C ARG A 905 6.80 1.85 -34.52
N VAL A 906 5.65 1.77 -33.83
CA VAL A 906 5.59 2.23 -32.44
C VAL A 906 6.53 1.43 -31.57
N HIS A 907 6.51 0.10 -31.74
CA HIS A 907 7.38 -0.77 -30.97
C HIS A 907 8.83 -0.60 -31.38
N LEU A 908 9.08 -0.14 -32.60
CA LEU A 908 10.44 0.16 -33.03
C LEU A 908 10.91 1.52 -32.56
N PHE A 909 10.00 2.51 -32.49
CA PHE A 909 10.44 3.86 -32.15
C PHE A 909 10.83 3.95 -30.69
N THR A 910 9.97 3.45 -29.79
CA THR A 910 10.25 3.54 -28.37
C THR A 910 11.42 2.67 -27.98
N PHE A 911 11.62 1.55 -28.68
CA PHE A 911 12.80 0.73 -28.43
C PHE A 911 14.07 1.46 -28.84
N LEU A 912 13.98 2.31 -29.86
CA LEU A 912 15.11 3.17 -30.16
C LEU A 912 15.30 4.22 -29.09
N GLN A 913 14.20 4.71 -28.53
CA GLN A 913 14.27 5.70 -27.47
C GLN A 913 14.71 5.08 -26.15
N VAL A 914 14.33 3.84 -25.89
CA VAL A 914 14.86 3.14 -24.72
C VAL A 914 16.34 2.90 -24.89
N LEU A 915 16.79 2.70 -26.14
CA LEU A 915 18.18 2.38 -26.42
C LEU A 915 19.10 3.54 -26.09
N CYS A 916 18.67 4.76 -26.36
CA CYS A 916 19.56 5.89 -26.09
C CYS A 916 19.61 6.23 -24.61
N LEU A 917 18.62 5.82 -23.81
CA LEU A 917 18.69 6.07 -22.38
C LEU A 917 19.75 5.20 -21.73
N ALA A 918 19.94 3.99 -22.25
CA ALA A 918 20.94 3.10 -21.68
C ALA A 918 22.36 3.59 -21.96
N LEU A 919 22.57 4.24 -23.10
CA LEU A 919 23.83 4.94 -23.34
C LEU A 919 24.03 6.04 -22.31
N LEU A 920 23.01 6.88 -22.14
CA LEU A 920 23.11 8.00 -21.20
C LEU A 920 23.17 7.54 -19.75
N TRP A 921 22.62 6.38 -19.43
CA TRP A 921 22.74 5.89 -18.07
C TRP A 921 24.18 5.51 -17.75
N ILE A 922 24.84 4.77 -18.65
CA ILE A 922 26.15 4.25 -18.32
C ILE A 922 27.22 5.31 -18.51
N LEU A 923 26.99 6.30 -19.36
CA LEU A 923 27.87 7.45 -19.42
C LEU A 923 27.69 8.37 -18.21
N LYS A 924 26.54 8.32 -17.54
CA LYS A 924 26.40 9.04 -16.28
C LYS A 924 27.20 8.37 -15.17
N SER A 925 27.42 7.06 -15.28
CA SER A 925 28.18 6.33 -14.27
C SER A 925 29.65 6.73 -14.29
N THR A 926 30.24 6.89 -15.47
CA THR A 926 31.62 7.32 -15.56
C THR A 926 31.72 8.83 -15.37
N VAL A 927 32.93 9.36 -15.51
CA VAL A 927 33.15 10.80 -15.36
C VAL A 927 32.89 11.40 -16.73
N ALA A 928 31.60 11.59 -17.02
CA ALA A 928 31.17 12.21 -18.27
C ALA A 928 29.98 13.13 -18.03
N ALA A 929 29.59 13.36 -16.78
CA ALA A 929 28.53 14.30 -16.48
C ALA A 929 29.05 15.72 -16.31
N ILE A 930 30.35 15.88 -16.03
CA ILE A 930 30.93 17.21 -15.97
C ILE A 930 30.89 17.87 -17.34
N ILE A 931 31.08 17.09 -18.40
CA ILE A 931 30.76 17.53 -19.76
C ILE A 931 29.31 17.11 -19.94
N PHE A 932 28.41 17.97 -19.51
CA PHE A 932 27.02 17.51 -19.43
C PHE A 932 26.21 17.46 -20.72
N PRO A 933 26.22 18.44 -21.63
CA PRO A 933 25.37 18.28 -22.82
C PRO A 933 25.90 17.32 -23.86
N VAL A 934 27.02 16.63 -23.62
CA VAL A 934 27.46 15.63 -24.59
C VAL A 934 26.54 14.41 -24.52
N MET A 935 25.80 14.26 -23.42
CA MET A 935 24.70 13.32 -23.39
C MET A 935 23.38 13.99 -23.77
N ILE A 936 23.43 15.20 -24.33
CA ILE A 936 22.26 15.85 -24.90
C ILE A 936 22.43 16.09 -26.39
N LEU A 937 23.60 16.55 -26.81
CA LEU A 937 23.87 16.69 -28.24
C LEU A 937 23.90 15.35 -28.95
N ALA A 938 24.50 14.34 -28.32
CA ALA A 938 24.40 12.99 -28.85
C ALA A 938 22.99 12.45 -28.68
N LEU A 939 22.26 12.97 -27.71
CA LEU A 939 20.87 12.55 -27.55
C LEU A 939 20.00 13.14 -28.65
N VAL A 940 20.21 14.42 -29.01
CA VAL A 940 19.44 15.00 -30.10
C VAL A 940 19.97 14.62 -31.47
N ALA A 941 21.10 13.92 -31.53
CA ALA A 941 21.64 13.50 -32.81
C ALA A 941 20.77 12.43 -33.46
N VAL A 942 20.26 11.49 -32.65
CA VAL A 942 19.43 10.43 -33.20
C VAL A 942 18.05 10.92 -33.62
N ARG A 943 17.69 12.13 -33.22
CA ARG A 943 16.51 12.76 -33.81
C ARG A 943 16.75 13.05 -35.28
N LYS A 944 17.98 13.37 -35.67
CA LYS A 944 18.27 13.55 -37.09
C LYS A 944 18.30 12.22 -37.82
N GLY A 945 18.67 11.14 -37.14
CA GLY A 945 18.60 9.83 -37.76
C GLY A 945 17.18 9.36 -37.99
N MET A 946 16.23 9.90 -37.25
CA MET A 946 14.81 9.64 -37.45
C MET A 946 14.31 10.21 -38.77
N ASP A 947 15.01 11.22 -39.31
CA ASP A 947 14.58 11.86 -40.56
C ASP A 947 14.76 10.95 -41.77
N TYR A 948 15.52 9.86 -41.66
CA TYR A 948 15.68 8.96 -42.78
C TYR A 948 14.51 8.00 -42.92
N LEU A 949 13.74 7.79 -41.85
CA LEU A 949 12.50 7.04 -41.91
C LEU A 949 11.37 7.98 -41.46
N PHE A 950 10.76 8.64 -42.44
CA PHE A 950 9.82 9.72 -42.19
C PHE A 950 8.47 9.36 -42.77
N SER A 951 7.43 9.87 -42.12
CA SER A 951 6.05 9.75 -42.60
C SER A 951 5.31 10.96 -42.05
N GLN A 952 3.98 10.87 -42.05
CA GLN A 952 3.23 11.75 -41.17
C GLN A 952 3.50 11.36 -39.72
N HIS A 953 3.57 12.36 -38.85
CA HIS A 953 3.92 12.12 -37.46
C HIS A 953 3.07 12.98 -36.54
N ASP A 954 2.44 12.33 -35.56
CA ASP A 954 2.00 12.99 -34.34
C ASP A 954 3.01 12.83 -33.21
N LEU A 955 4.27 12.58 -33.55
CA LEU A 955 5.35 12.52 -32.58
C LEU A 955 6.08 13.87 -32.49
N SER A 956 5.31 14.93 -32.30
CA SER A 956 5.82 16.30 -32.36
C SER A 956 5.13 17.13 -31.29
N PHE A 957 5.72 18.27 -30.97
CA PHE A 957 5.31 19.05 -29.81
C PHE A 957 4.08 19.90 -30.13
N LEU A 958 3.74 20.77 -29.18
CA LEU A 958 2.60 21.70 -29.15
C LEU A 958 1.24 21.04 -29.41
N ASP A 959 1.17 19.72 -29.32
CA ASP A 959 0.03 18.94 -29.79
C ASP A 959 -0.02 17.70 -28.91
N ASP A 960 -0.93 17.69 -27.94
CA ASP A 960 -0.98 16.63 -26.94
C ASP A 960 -2.31 15.90 -26.92
N VAL A 961 -3.42 16.61 -26.80
CA VAL A 961 -4.74 16.04 -26.96
C VAL A 961 -5.42 16.75 -28.12
N ILE A 962 -5.92 15.97 -29.07
CA ILE A 962 -6.51 16.48 -30.29
C ILE A 962 -7.86 15.79 -30.46
N PRO A 963 -8.98 16.51 -30.40
CA PRO A 963 -10.28 15.85 -30.51
C PRO A 963 -10.67 15.56 -31.95
N GLU A 964 -10.08 16.30 -32.91
CA GLU A 964 -10.26 16.17 -34.35
C GLU A 964 -11.68 16.43 -34.85
N LYS A 965 -12.58 16.87 -33.96
CA LYS A 965 -13.98 17.08 -34.32
C LYS A 965 -14.51 18.34 -33.62
N GLY B 401 -37.86 -36.86 5.90
CA GLY B 401 -36.62 -36.53 6.56
C GLY B 401 -35.52 -36.12 5.59
N LEU B 402 -34.31 -36.59 5.85
CA LEU B 402 -33.17 -36.31 4.98
C LEU B 402 -33.13 -37.21 3.75
N ILE B 403 -34.09 -38.12 3.60
CA ILE B 403 -34.14 -38.98 2.42
C ILE B 403 -34.48 -38.17 1.19
N LYS B 404 -35.37 -37.19 1.32
CA LYS B 404 -35.65 -36.29 0.23
C LYS B 404 -34.49 -35.36 -0.07
N ASP B 405 -33.57 -35.19 0.88
CA ASP B 405 -32.39 -34.35 0.69
C ASP B 405 -31.24 -35.13 0.11
N ILE B 406 -31.06 -36.39 0.53
CA ILE B 406 -29.99 -37.22 0.00
C ILE B 406 -30.33 -37.74 -1.39
N LYS B 407 -31.59 -37.64 -1.80
CA LYS B 407 -31.99 -38.15 -3.11
C LYS B 407 -31.49 -37.25 -4.23
N ARG B 408 -31.40 -35.95 -4.01
CA ARG B 408 -30.93 -35.05 -5.05
C ARG B 408 -29.44 -34.77 -4.97
N LYS B 409 -28.81 -35.09 -3.86
CA LYS B 409 -27.38 -34.90 -3.73
C LYS B 409 -26.59 -36.10 -4.21
N ALA B 410 -27.27 -37.25 -4.30
CA ALA B 410 -26.71 -38.48 -4.84
C ALA B 410 -26.32 -38.49 -6.34
N PRO B 411 -27.10 -37.90 -7.25
CA PRO B 411 -26.72 -37.95 -8.66
C PRO B 411 -25.74 -36.87 -9.10
N PHE B 412 -24.70 -36.66 -8.29
CA PHE B 412 -23.66 -35.70 -8.65
C PHE B 412 -22.26 -36.14 -8.27
N PHE B 413 -22.06 -37.35 -7.76
CA PHE B 413 -20.77 -37.71 -7.17
C PHE B 413 -19.71 -37.90 -8.26
N ALA B 414 -20.09 -38.56 -9.35
CA ALA B 414 -19.15 -38.75 -10.44
C ALA B 414 -18.95 -37.48 -11.24
N SER B 415 -19.92 -36.57 -11.17
CA SER B 415 -19.82 -35.32 -11.93
C SER B 415 -18.85 -34.35 -11.26
N ASP B 416 -18.51 -34.60 -10.00
CA ASP B 416 -17.71 -33.63 -9.26
C ASP B 416 -16.23 -33.94 -9.37
N PHE B 417 -15.85 -35.22 -9.27
CA PHE B 417 -14.44 -35.56 -9.23
C PHE B 417 -13.78 -35.35 -10.59
N TYR B 418 -14.55 -35.48 -11.66
CA TYR B 418 -14.00 -35.19 -12.99
C TYR B 418 -14.11 -33.70 -13.31
N ASP B 419 -14.69 -32.93 -12.39
CA ASP B 419 -14.69 -31.47 -12.51
C ASP B 419 -13.57 -30.84 -11.70
N ALA B 420 -12.61 -31.62 -11.22
CA ALA B 420 -11.59 -31.13 -10.30
C ALA B 420 -10.17 -31.28 -10.82
N LEU B 421 -9.92 -30.97 -12.09
CA LEU B 421 -8.57 -31.09 -12.61
C LEU B 421 -8.00 -29.73 -13.02
N ASN B 422 -8.77 -28.66 -12.85
CA ASN B 422 -8.40 -27.33 -13.29
C ASN B 422 -7.24 -26.77 -12.49
N ILE B 423 -6.63 -25.70 -13.00
CA ILE B 423 -5.42 -25.18 -12.38
C ILE B 423 -5.75 -24.41 -11.11
N GLN B 424 -6.85 -23.65 -11.13
CA GLN B 424 -7.20 -22.81 -9.98
C GLN B 424 -7.72 -23.64 -8.82
N ALA B 425 -8.07 -24.90 -9.09
CA ALA B 425 -8.42 -25.80 -8.00
C ALA B 425 -7.20 -26.13 -7.16
N LEU B 426 -6.02 -26.08 -7.76
CA LEU B 426 -4.80 -26.23 -6.98
C LEU B 426 -4.54 -25.00 -6.13
N SER B 427 -4.99 -23.83 -6.58
CA SER B 427 -4.76 -22.58 -5.85
C SER B 427 -5.46 -22.58 -4.51
N ALA B 428 -6.72 -23.02 -4.49
CA ALA B 428 -7.51 -22.89 -3.28
C ALA B 428 -7.11 -23.91 -2.24
N ILE B 429 -6.44 -24.97 -2.65
CA ILE B 429 -6.06 -25.99 -1.69
C ILE B 429 -4.92 -25.51 -0.80
N LEU B 430 -3.81 -25.11 -1.40
CA LEU B 430 -2.66 -24.70 -0.59
C LEU B 430 -2.84 -23.31 0.03
N PHE B 431 -3.82 -22.55 -0.44
CA PHE B 431 -4.25 -21.39 0.33
C PHE B 431 -4.96 -21.80 1.60
N ILE B 432 -6.01 -22.60 1.49
CA ILE B 432 -6.87 -22.87 2.64
C ILE B 432 -6.22 -23.86 3.58
N TYR B 433 -5.30 -24.67 3.06
CA TYR B 433 -4.41 -25.45 3.91
C TYR B 433 -3.62 -24.53 4.83
N LEU B 434 -3.12 -23.42 4.30
CA LEU B 434 -2.40 -22.48 5.14
C LEU B 434 -3.34 -21.73 6.07
N ALA B 435 -4.61 -21.62 5.70
CA ALA B 435 -5.56 -20.99 6.61
C ALA B 435 -5.98 -21.95 7.71
N THR B 436 -6.21 -23.22 7.35
CA THR B 436 -6.74 -24.17 8.32
C THR B 436 -5.69 -24.59 9.32
N VAL B 437 -4.44 -24.80 8.85
CA VAL B 437 -3.39 -25.19 9.78
C VAL B 437 -3.01 -24.00 10.66
N THR B 438 -3.34 -22.78 10.23
CA THR B 438 -3.22 -21.64 11.12
C THR B 438 -4.38 -21.62 12.11
N ASN B 439 -5.59 -21.92 11.63
CA ASN B 439 -6.75 -21.88 12.51
C ASN B 439 -6.76 -23.09 13.43
N ALA B 440 -6.00 -24.13 13.10
CA ALA B 440 -5.84 -25.24 14.02
C ALA B 440 -4.85 -24.89 15.12
N ILE B 441 -3.73 -24.26 14.76
CA ILE B 441 -2.69 -24.01 15.76
C ILE B 441 -3.08 -22.85 16.66
N THR B 442 -3.95 -21.95 16.18
CA THR B 442 -4.27 -20.79 16.99
C THR B 442 -5.32 -21.12 18.03
N PHE B 443 -6.05 -22.23 17.85
CA PHE B 443 -6.97 -22.66 18.89
C PHE B 443 -6.37 -23.77 19.72
N GLY B 444 -5.33 -24.41 19.21
CA GLY B 444 -4.66 -25.44 19.98
C GLY B 444 -3.96 -24.87 21.20
N GLY B 445 -3.53 -23.62 21.11
CA GLY B 445 -2.97 -22.96 22.28
C GLY B 445 -4.04 -22.54 23.26
N LEU B 446 -5.20 -22.11 22.76
CA LEU B 446 -6.25 -21.62 23.63
C LEU B 446 -6.95 -22.79 24.31
N LEU B 447 -7.20 -23.86 23.57
CA LEU B 447 -7.70 -25.08 24.17
C LEU B 447 -6.61 -25.82 24.92
N GLY B 448 -5.36 -25.39 24.79
CA GLY B 448 -4.26 -26.06 25.48
C GLY B 448 -4.19 -25.79 26.97
N ASP B 449 -5.18 -25.10 27.52
CA ASP B 449 -5.27 -24.95 28.97
C ASP B 449 -5.74 -26.25 29.63
N ALA B 450 -6.79 -26.86 29.08
CA ALA B 450 -7.36 -28.04 29.70
C ALA B 450 -6.59 -29.31 29.30
N THR B 451 -6.66 -29.69 28.03
CA THR B 451 -6.10 -30.96 27.56
C THR B 451 -4.62 -30.73 27.25
N ASP B 452 -3.75 -31.21 28.12
CA ASP B 452 -2.35 -30.76 28.10
C ASP B 452 -1.45 -31.71 27.30
N ASN B 453 -1.27 -32.94 27.76
CA ASN B 453 -0.43 -33.85 26.99
C ASN B 453 -1.25 -34.81 26.14
N MET B 454 -1.85 -35.81 26.81
CA MET B 454 -2.91 -36.70 26.33
C MET B 454 -2.57 -37.60 25.14
N GLN B 455 -1.43 -37.40 24.48
CA GLN B 455 -1.06 -38.03 23.21
C GLN B 455 0.34 -37.54 22.87
N GLY B 456 1.07 -38.34 22.08
CA GLY B 456 2.30 -37.89 21.46
C GLY B 456 2.14 -37.00 20.25
N VAL B 457 0.91 -36.66 19.90
CA VAL B 457 0.56 -35.73 18.81
C VAL B 457 -0.47 -34.76 19.38
N LEU B 458 -0.36 -33.47 19.02
CA LEU B 458 -1.37 -32.50 19.44
C LEU B 458 -2.71 -32.82 18.81
N GLU B 459 -3.73 -32.92 19.66
CA GLU B 459 -5.02 -33.47 19.27
C GLU B 459 -5.82 -32.54 18.36
N SER B 460 -5.50 -31.25 18.36
CA SER B 460 -6.27 -30.31 17.56
C SER B 460 -6.01 -30.47 16.07
N PHE B 461 -4.82 -30.96 15.71
CA PHE B 461 -4.55 -31.27 14.32
C PHE B 461 -5.30 -32.51 13.88
N LEU B 462 -5.11 -33.62 14.61
CA LEU B 462 -5.76 -34.88 14.26
C LEU B 462 -7.26 -34.79 14.41
N GLY B 463 -7.74 -33.89 15.25
CA GLY B 463 -9.15 -33.58 15.35
C GLY B 463 -9.68 -33.03 14.06
N THR B 464 -9.12 -31.92 13.60
CA THR B 464 -9.61 -31.34 12.36
C THR B 464 -9.15 -32.11 11.13
N ALA B 465 -8.29 -33.10 11.29
CA ALA B 465 -7.91 -33.95 10.16
C ALA B 465 -9.09 -34.79 9.69
N VAL B 466 -9.62 -35.63 10.58
CA VAL B 466 -10.62 -36.59 10.15
C VAL B 466 -12.01 -35.95 10.06
N SER B 467 -12.25 -34.89 10.85
CA SER B 467 -13.59 -34.35 10.99
C SER B 467 -14.05 -33.61 9.75
N GLY B 468 -13.11 -33.05 8.99
CA GLY B 468 -13.49 -32.43 7.75
C GLY B 468 -13.39 -33.45 6.64
N ALA B 469 -12.56 -34.47 6.87
CA ALA B 469 -12.30 -35.47 5.85
C ALA B 469 -13.56 -36.29 5.56
N ILE B 470 -14.19 -36.83 6.61
CA ILE B 470 -15.40 -37.59 6.39
C ILE B 470 -16.56 -36.67 6.08
N PHE B 471 -16.47 -35.40 6.46
CA PHE B 471 -17.52 -34.45 6.13
C PHE B 471 -17.48 -34.11 4.64
N CYS B 472 -16.37 -33.53 4.20
CA CYS B 472 -16.31 -32.87 2.90
C CYS B 472 -16.14 -33.83 1.74
N LEU B 473 -16.40 -35.13 1.92
CA LEU B 473 -16.55 -35.99 0.77
C LEU B 473 -17.77 -35.51 0.00
N PHE B 474 -18.94 -35.69 0.61
CA PHE B 474 -20.18 -35.07 0.15
C PHE B 474 -21.08 -34.90 1.36
N ALA B 475 -21.47 -33.65 1.63
CA ALA B 475 -22.29 -33.36 2.78
C ALA B 475 -23.29 -32.25 2.49
N GLY B 476 -23.83 -32.18 1.28
CA GLY B 476 -24.74 -31.08 1.00
C GLY B 476 -24.00 -29.76 0.86
N GLN B 477 -23.38 -29.56 -0.31
CA GLN B 477 -22.42 -28.51 -0.71
C GLN B 477 -21.28 -28.46 0.31
N PRO B 478 -20.31 -29.37 0.17
CA PRO B 478 -19.21 -29.45 1.13
C PRO B 478 -18.12 -28.42 0.90
N LEU B 479 -18.46 -27.35 0.18
CA LEU B 479 -17.58 -26.20 0.06
C LEU B 479 -17.24 -25.60 1.41
N THR B 480 -18.17 -25.70 2.37
CA THR B 480 -17.88 -25.31 3.74
C THR B 480 -16.78 -26.18 4.34
N ILE B 481 -16.06 -25.59 5.28
CA ILE B 481 -14.95 -26.24 5.97
C ILE B 481 -15.33 -26.34 7.44
N LEU B 482 -15.19 -27.51 8.02
CA LEU B 482 -15.35 -27.61 9.45
C LEU B 482 -14.05 -27.21 10.14
N SER B 483 -14.18 -26.48 11.24
CA SER B 483 -13.05 -26.17 12.10
C SER B 483 -13.61 -25.92 13.50
N SER B 484 -12.79 -25.35 14.36
CA SER B 484 -13.31 -24.94 15.65
C SER B 484 -13.72 -23.48 15.56
N THR B 485 -14.53 -23.05 16.52
CA THR B 485 -15.11 -21.72 16.46
C THR B 485 -15.01 -21.04 17.82
N GLY B 486 -15.48 -19.81 17.88
CA GLY B 486 -15.53 -19.02 19.09
C GLY B 486 -16.34 -19.58 20.25
N PRO B 487 -17.66 -19.72 20.08
CA PRO B 487 -18.53 -20.08 21.23
C PRO B 487 -18.25 -21.43 21.85
N VAL B 488 -17.75 -22.40 21.09
CA VAL B 488 -17.44 -23.69 21.68
C VAL B 488 -16.21 -23.57 22.57
N LEU B 489 -15.30 -22.67 22.22
CA LEU B 489 -14.09 -22.48 23.02
C LEU B 489 -14.40 -21.85 24.37
N VAL B 490 -15.25 -20.82 24.38
CA VAL B 490 -15.55 -20.14 25.63
C VAL B 490 -16.46 -20.99 26.51
N PHE B 491 -17.20 -21.92 25.91
CA PHE B 491 -18.00 -22.85 26.70
C PHE B 491 -17.10 -23.81 27.47
N GLU B 492 -16.02 -24.28 26.83
CA GLU B 492 -15.15 -25.25 27.47
C GLU B 492 -14.27 -24.63 28.52
N ARG B 493 -14.08 -23.31 28.48
CA ARG B 493 -13.51 -22.62 29.63
C ARG B 493 -14.46 -22.67 30.81
N LEU B 494 -15.76 -22.49 30.54
CA LEU B 494 -16.76 -22.54 31.60
C LEU B 494 -16.92 -23.94 32.14
N LEU B 495 -16.97 -24.95 31.26
CA LEU B 495 -17.17 -26.32 31.70
C LEU B 495 -15.98 -26.87 32.45
N PHE B 496 -14.78 -26.40 32.15
CA PHE B 496 -13.62 -26.84 32.92
C PHE B 496 -13.66 -26.26 34.32
N ASN B 497 -14.07 -25.01 34.45
CA ASN B 497 -14.27 -24.43 35.77
C ASN B 497 -15.53 -24.96 36.46
N PHE B 498 -16.54 -25.35 35.68
CA PHE B 498 -17.69 -26.04 36.26
C PHE B 498 -17.33 -27.44 36.73
N SER B 499 -16.28 -28.03 36.17
CA SER B 499 -15.77 -29.30 36.65
C SER B 499 -14.46 -29.14 37.41
N LYS B 500 -14.07 -27.91 37.74
CA LYS B 500 -12.89 -27.70 38.56
C LYS B 500 -13.17 -27.98 40.04
N ASP B 501 -14.43 -27.89 40.46
CA ASP B 501 -14.81 -28.23 41.82
C ASP B 501 -14.99 -29.72 42.06
N ASN B 502 -14.43 -30.55 41.17
CA ASN B 502 -14.33 -32.00 41.29
C ASN B 502 -15.73 -32.65 41.38
N ASN B 503 -16.45 -32.56 40.28
CA ASN B 503 -17.66 -33.37 40.10
C ASN B 503 -17.32 -34.75 39.53
N PHE B 504 -16.30 -35.39 40.12
CA PHE B 504 -15.88 -36.78 40.00
C PHE B 504 -15.29 -37.13 38.63
N ASP B 505 -15.46 -36.25 37.64
CA ASP B 505 -15.28 -36.58 36.24
C ASP B 505 -15.01 -35.27 35.49
N TYR B 506 -14.01 -35.28 34.61
CA TYR B 506 -13.95 -34.19 33.64
C TYR B 506 -14.07 -34.65 32.20
N LEU B 507 -13.15 -35.48 31.72
CA LEU B 507 -13.15 -35.85 30.31
C LEU B 507 -14.26 -36.83 29.99
N GLU B 508 -14.42 -37.83 30.83
CA GLU B 508 -15.54 -38.74 30.74
C GLU B 508 -16.87 -38.07 31.06
N PHE B 509 -16.86 -36.95 31.79
CA PHE B 509 -18.06 -36.14 31.88
C PHE B 509 -18.42 -35.52 30.55
N ARG B 510 -17.39 -35.06 29.80
CA ARG B 510 -17.59 -34.51 28.48
C ARG B 510 -18.12 -35.53 27.49
N LEU B 511 -17.87 -36.82 27.73
CA LEU B 511 -18.48 -37.88 26.93
C LEU B 511 -19.99 -37.78 26.96
N TRP B 512 -20.57 -37.85 28.16
CA TRP B 512 -22.02 -37.78 28.27
C TRP B 512 -22.55 -36.39 28.01
N ILE B 513 -21.70 -35.36 28.06
CA ILE B 513 -22.07 -34.09 27.45
C ILE B 513 -22.18 -34.27 25.94
N GLY B 514 -21.18 -34.90 25.34
CA GLY B 514 -21.16 -35.01 23.90
C GLY B 514 -22.12 -36.03 23.34
N LEU B 515 -22.36 -37.12 24.09
CA LEU B 515 -23.14 -38.23 23.53
C LEU B 515 -24.62 -37.88 23.44
N TRP B 516 -25.19 -37.33 24.51
CA TRP B 516 -26.62 -37.01 24.46
C TRP B 516 -26.89 -35.78 23.62
N SER B 517 -25.91 -34.90 23.47
CA SER B 517 -26.04 -33.76 22.58
C SER B 517 -26.12 -34.20 21.13
N ALA B 518 -25.41 -35.28 20.77
CA ALA B 518 -25.61 -35.86 19.46
C ALA B 518 -26.96 -36.53 19.35
N PHE B 519 -27.42 -37.13 20.44
CA PHE B 519 -28.72 -37.77 20.45
C PHE B 519 -29.83 -36.74 20.29
N LEU B 520 -29.67 -35.59 20.95
CA LEU B 520 -30.58 -34.46 20.71
C LEU B 520 -30.44 -33.92 19.30
N CYS B 521 -29.23 -33.99 18.74
CA CYS B 521 -29.05 -33.57 17.36
C CYS B 521 -29.69 -34.57 16.41
N LEU B 522 -29.68 -35.86 16.77
CA LEU B 522 -30.33 -36.86 15.93
C LEU B 522 -31.85 -36.78 16.01
N ILE B 523 -32.40 -36.20 17.06
CA ILE B 523 -33.84 -35.95 17.08
C ILE B 523 -34.16 -34.74 16.22
N LEU B 524 -33.29 -33.72 16.26
CA LEU B 524 -33.53 -32.50 15.50
C LEU B 524 -33.36 -32.71 14.00
N VAL B 525 -32.52 -33.66 13.60
CA VAL B 525 -32.48 -33.98 12.18
C VAL B 525 -33.70 -34.78 11.78
N ALA B 526 -34.33 -35.48 12.73
CA ALA B 526 -35.52 -36.24 12.40
C ALA B 526 -36.74 -35.33 12.26
N THR B 527 -36.95 -34.45 13.24
CA THR B 527 -38.14 -33.60 13.26
C THR B 527 -38.17 -32.61 12.12
N ASP B 528 -37.30 -31.60 12.18
CA ASP B 528 -37.22 -30.52 11.19
C ASP B 528 -36.00 -29.66 11.49
N ALA B 529 -35.24 -29.34 10.44
CA ALA B 529 -34.25 -28.26 10.48
C ALA B 529 -34.46 -27.42 9.23
N SER B 530 -35.42 -26.50 9.28
CA SER B 530 -35.73 -25.67 8.12
C SER B 530 -36.35 -24.38 8.65
N PHE B 531 -35.53 -23.34 8.76
CA PHE B 531 -35.97 -22.04 9.28
C PHE B 531 -35.85 -20.94 8.23
N LEU B 532 -35.68 -21.32 6.96
CA LEU B 532 -35.28 -20.37 5.94
C LEU B 532 -36.38 -19.38 5.59
N VAL B 533 -37.52 -19.90 5.13
CA VAL B 533 -38.49 -19.07 4.39
C VAL B 533 -39.29 -18.11 5.26
N GLN B 534 -39.05 -18.06 6.56
CA GLN B 534 -39.66 -16.99 7.35
C GLN B 534 -38.75 -16.40 8.42
N TYR B 535 -37.47 -16.77 8.48
CA TYR B 535 -36.62 -16.16 9.51
C TYR B 535 -35.39 -15.46 8.98
N PHE B 536 -34.76 -15.97 7.93
CA PHE B 536 -33.45 -15.48 7.50
C PHE B 536 -33.51 -14.75 6.16
N THR B 537 -34.50 -13.88 5.99
CA THR B 537 -34.83 -13.29 4.70
C THR B 537 -34.09 -11.96 4.47
N ARG B 538 -32.79 -12.09 4.19
CA ARG B 538 -31.89 -11.07 3.61
C ARG B 538 -31.56 -9.94 4.60
N PHE B 539 -32.25 -9.91 5.71
CA PHE B 539 -31.90 -9.06 6.82
C PHE B 539 -31.57 -10.01 7.96
N THR B 540 -30.55 -9.64 8.73
CA THR B 540 -29.96 -10.47 9.79
C THR B 540 -29.50 -11.83 9.27
N GLU B 541 -29.03 -11.84 8.02
CA GLU B 541 -28.18 -12.94 7.58
C GLU B 541 -26.97 -12.34 6.88
N GLU B 542 -27.15 -11.18 6.25
CA GLU B 542 -26.02 -10.26 6.14
C GLU B 542 -25.70 -9.64 7.48
N GLY B 543 -26.74 -9.36 8.28
CA GLY B 543 -26.56 -8.74 9.57
C GLY B 543 -25.78 -9.58 10.54
N PHE B 544 -25.67 -10.88 10.30
CA PHE B 544 -24.70 -11.68 11.02
C PHE B 544 -23.41 -11.90 10.24
N SER B 545 -23.50 -11.97 8.91
CA SER B 545 -22.29 -12.11 8.10
C SER B 545 -21.40 -10.89 8.21
N SER B 546 -22.01 -9.72 8.24
CA SER B 546 -21.27 -8.49 8.42
C SER B 546 -20.96 -8.18 9.85
N LEU B 547 -21.27 -9.07 10.78
CA LEU B 547 -20.79 -8.92 12.14
C LEU B 547 -19.73 -9.93 12.50
N ILE B 548 -19.81 -11.16 11.98
CA ILE B 548 -18.76 -12.11 12.26
C ILE B 548 -17.52 -11.81 11.43
N SER B 549 -17.68 -11.07 10.34
CA SER B 549 -16.50 -10.56 9.64
C SER B 549 -15.80 -9.49 10.48
N PHE B 550 -16.56 -8.63 11.14
CA PHE B 550 -15.96 -7.58 11.94
C PHE B 550 -15.28 -8.13 13.17
N ILE B 551 -15.71 -9.30 13.66
CA ILE B 551 -14.99 -9.92 14.77
C ILE B 551 -13.69 -10.51 14.28
N PHE B 552 -13.72 -11.13 13.10
CA PHE B 552 -12.55 -11.84 12.60
C PHE B 552 -11.48 -10.87 12.15
N ILE B 553 -11.87 -9.69 11.65
CA ILE B 553 -10.91 -8.64 11.39
C ILE B 553 -10.35 -8.10 12.69
N TYR B 554 -11.21 -7.85 13.67
CA TYR B 554 -10.75 -7.40 14.97
C TYR B 554 -9.96 -8.46 15.71
N ASP B 555 -10.18 -9.74 15.40
CA ASP B 555 -9.35 -10.77 15.99
C ASP B 555 -7.96 -10.76 15.39
N ALA B 556 -7.83 -10.29 14.15
CA ALA B 556 -6.52 -10.25 13.51
C ALA B 556 -5.61 -9.23 14.19
N PHE B 557 -6.09 -7.99 14.36
CA PHE B 557 -5.29 -6.97 15.01
C PHE B 557 -5.01 -7.30 16.46
N LYS B 558 -5.95 -7.96 17.14
CA LYS B 558 -5.73 -8.33 18.53
C LYS B 558 -4.62 -9.35 18.67
N LYS B 559 -4.45 -10.23 17.68
CA LYS B 559 -3.41 -11.23 17.77
C LYS B 559 -2.01 -10.67 17.54
N MET B 560 -1.89 -9.40 17.17
CA MET B 560 -0.59 -8.78 17.03
C MET B 560 -0.27 -7.77 18.12
N ILE B 561 -1.28 -7.16 18.71
CA ILE B 561 -1.03 -6.36 19.89
C ILE B 561 -0.64 -7.27 21.04
N LYS B 562 -1.14 -8.51 21.03
CA LYS B 562 -0.60 -9.52 21.92
C LYS B 562 0.82 -9.90 21.51
N LEU B 563 1.09 -9.89 20.20
CA LEU B 563 2.45 -10.14 19.74
C LEU B 563 3.36 -8.96 20.08
N ALA B 564 2.84 -7.74 19.99
CA ALA B 564 3.63 -6.57 20.35
C ALA B 564 3.92 -6.53 21.84
N ASP B 565 2.97 -6.99 22.66
CA ASP B 565 3.21 -7.05 24.09
C ASP B 565 4.12 -8.20 24.48
N TYR B 566 4.33 -9.15 23.58
CA TYR B 566 5.27 -10.21 23.87
C TYR B 566 6.69 -9.85 23.44
N TYR B 567 6.84 -8.92 22.50
CA TYR B 567 8.14 -8.47 22.00
C TYR B 567 8.23 -6.96 22.16
N PRO B 568 8.61 -6.46 23.34
CA PRO B 568 8.55 -5.02 23.57
C PRO B 568 9.83 -4.27 23.21
N ILE B 569 9.64 -3.12 22.54
CA ILE B 569 10.73 -2.28 22.05
C ILE B 569 11.35 -1.54 23.22
N ASN B 570 12.68 -1.40 23.23
CA ASN B 570 13.32 -0.65 24.29
C ASN B 570 13.15 0.85 24.14
N SER B 571 13.10 1.35 22.88
CA SER B 571 12.74 2.74 22.57
C SER B 571 13.66 3.76 23.20
N ASN B 572 14.93 3.42 23.37
CA ASN B 572 15.87 4.34 24.01
C ASN B 572 17.27 3.99 23.50
N PHE B 573 17.75 4.72 22.50
CA PHE B 573 18.96 4.32 21.81
C PHE B 573 19.72 5.55 21.30
N LYS B 574 20.61 5.28 20.34
CA LYS B 574 21.55 6.09 19.59
C LYS B 574 22.77 6.43 20.45
N VAL B 575 22.72 6.19 21.75
CA VAL B 575 23.89 6.42 22.58
C VAL B 575 24.88 5.27 22.43
N GLY B 576 24.45 4.06 22.75
CA GLY B 576 25.31 2.91 22.60
C GLY B 576 25.28 2.01 23.81
N TYR B 577 26.42 1.83 24.45
CA TYR B 577 26.55 0.88 25.55
C TYR B 577 26.02 1.51 26.83
N ASN B 578 24.70 1.46 26.97
CA ASN B 578 24.05 1.66 28.26
C ASN B 578 22.93 0.66 28.47
N THR B 579 22.70 -0.24 27.52
CA THR B 579 21.60 -1.18 27.58
C THR B 579 22.12 -2.61 27.53
N LEU B 580 23.10 -2.93 28.37
CA LEU B 580 23.49 -4.32 28.56
C LEU B 580 22.44 -5.04 29.40
N PHE B 581 22.29 -6.33 29.16
CA PHE B 581 21.17 -7.09 29.70
C PHE B 581 21.49 -7.83 31.00
N SER B 582 22.75 -8.15 31.25
CA SER B 582 23.14 -8.85 32.46
C SER B 582 24.59 -8.56 32.81
N VAL B 638 17.93 -12.71 35.21
CA VAL B 638 18.78 -12.31 36.32
C VAL B 638 19.85 -11.35 35.82
N GLY B 639 19.41 -10.17 35.40
CA GLY B 639 20.31 -9.15 34.88
C GLY B 639 19.83 -7.77 35.26
N ASN B 640 19.90 -6.84 34.31
CA ASN B 640 19.49 -5.46 34.58
C ASN B 640 19.17 -4.75 33.28
N ASN B 641 18.02 -4.08 33.25
CA ASN B 641 17.72 -2.92 32.41
C ASN B 641 17.56 -3.19 30.92
N CYS B 642 17.86 -4.40 30.44
CA CYS B 642 17.74 -4.63 29.02
C CYS B 642 17.25 -6.04 28.69
N ASN B 643 16.42 -6.62 29.55
CA ASN B 643 15.99 -7.99 29.30
C ASN B 643 14.71 -8.05 28.46
N PHE B 644 14.70 -7.30 27.35
CA PHE B 644 13.55 -7.24 26.45
C PHE B 644 14.05 -6.99 25.04
N VAL B 645 13.38 -7.60 24.08
CA VAL B 645 13.95 -7.93 22.78
C VAL B 645 13.92 -6.70 21.88
N PRO B 646 14.80 -6.58 20.90
CA PRO B 646 14.58 -5.62 19.83
C PRO B 646 13.92 -6.23 18.61
N ASP B 647 13.54 -5.35 17.69
CA ASP B 647 13.33 -5.52 16.25
C ASP B 647 12.70 -6.80 15.72
N ILE B 648 11.76 -7.38 16.45
CA ILE B 648 10.84 -8.35 15.87
C ILE B 648 9.52 -7.69 15.49
N THR B 649 8.97 -6.90 16.39
CA THR B 649 7.65 -6.33 16.17
C THR B 649 7.66 -5.26 15.09
N LEU B 650 8.78 -4.57 14.90
CA LEU B 650 8.84 -3.62 13.80
C LEU B 650 8.97 -4.34 12.48
N MET B 651 9.62 -5.51 12.47
CA MET B 651 9.61 -6.35 11.29
C MET B 651 8.23 -6.89 11.00
N SER B 652 7.46 -7.18 12.06
CA SER B 652 6.21 -7.90 11.90
C SER B 652 5.16 -7.05 11.21
N PHE B 653 5.09 -5.76 11.55
CA PHE B 653 4.12 -4.91 10.87
C PHE B 653 4.52 -4.58 9.44
N ILE B 654 5.76 -4.89 9.03
CA ILE B 654 6.10 -4.76 7.61
C ILE B 654 5.47 -5.91 6.84
N LEU B 655 5.65 -7.12 7.35
CA LEU B 655 5.11 -8.31 6.70
C LEU B 655 3.59 -8.29 6.73
N PHE B 656 3.01 -7.89 7.84
CA PHE B 656 1.56 -7.97 8.02
C PHE B 656 0.84 -6.99 7.12
N LEU B 657 1.20 -5.71 7.21
CA LEU B 657 0.56 -4.72 6.34
C LEU B 657 0.95 -4.92 4.89
N GLY B 658 2.13 -5.50 4.65
CA GLY B 658 2.53 -5.77 3.29
C GLY B 658 1.65 -6.81 2.63
N THR B 659 1.52 -7.96 3.28
CA THR B 659 0.79 -9.07 2.67
C THR B 659 -0.71 -8.86 2.68
N TYR B 660 -1.24 -7.85 3.37
CA TYR B 660 -2.58 -7.41 3.02
C TYR B 660 -2.55 -6.51 1.80
N THR B 661 -1.62 -5.55 1.76
CA THR B 661 -1.58 -4.65 0.61
C THR B 661 -1.10 -5.36 -0.63
N SER B 662 -0.29 -6.39 -0.48
CA SER B 662 0.09 -7.20 -1.63
C SER B 662 -1.09 -7.99 -2.16
N SER B 663 -1.76 -8.74 -1.27
CA SER B 663 -2.80 -9.67 -1.70
C SER B 663 -4.02 -8.94 -2.25
N MET B 664 -4.33 -7.78 -1.71
CA MET B 664 -5.44 -7.01 -2.27
C MET B 664 -5.05 -6.34 -3.58
N ALA B 665 -3.74 -6.20 -3.84
CA ALA B 665 -3.31 -5.63 -5.11
C ALA B 665 -3.37 -6.65 -6.24
N LEU B 666 -2.91 -7.87 -5.98
CA LEU B 666 -2.92 -8.88 -7.03
C LEU B 666 -4.33 -9.37 -7.35
N LYS B 667 -5.28 -9.21 -6.45
CA LYS B 667 -6.66 -9.49 -6.84
C LYS B 667 -7.24 -8.38 -7.68
N LYS B 668 -6.88 -7.12 -7.43
CA LYS B 668 -7.27 -6.04 -8.31
C LYS B 668 -6.44 -5.99 -9.58
N PHE B 669 -5.40 -6.83 -9.68
CA PHE B 669 -4.57 -6.90 -10.87
C PHE B 669 -5.32 -7.49 -12.05
N LYS B 670 -6.42 -8.18 -11.79
CA LYS B 670 -7.20 -8.87 -12.82
C LYS B 670 -7.79 -7.89 -13.83
N THR B 671 -8.09 -6.66 -13.42
CA THR B 671 -8.63 -5.69 -14.37
C THR B 671 -7.57 -4.84 -15.04
N SER B 672 -6.34 -4.89 -14.56
CA SER B 672 -5.28 -4.01 -15.08
C SER B 672 -4.74 -4.57 -16.39
N PRO B 673 -4.74 -3.78 -17.47
CA PRO B 673 -4.37 -4.34 -18.78
C PRO B 673 -2.88 -4.58 -18.99
N TYR B 674 -2.00 -4.26 -18.05
CA TYR B 674 -0.59 -4.21 -18.39
C TYR B 674 0.13 -5.53 -18.17
N PHE B 675 -0.46 -6.62 -18.71
CA PHE B 675 0.01 -8.00 -18.80
C PHE B 675 -0.94 -8.88 -19.59
N PRO B 676 -0.47 -9.97 -20.23
CA PRO B 676 -1.36 -10.77 -21.07
C PRO B 676 -2.44 -11.51 -20.28
N THR B 677 -3.58 -11.69 -20.94
CA THR B 677 -4.82 -12.04 -20.25
C THR B 677 -4.78 -13.45 -19.68
N THR B 678 -4.35 -14.43 -20.47
CA THR B 678 -4.34 -15.80 -20.00
C THR B 678 -3.23 -16.08 -18.99
N ALA B 679 -2.31 -15.15 -18.80
CA ALA B 679 -1.45 -15.19 -17.63
C ALA B 679 -1.95 -14.28 -16.51
N ARG B 680 -2.80 -13.31 -16.84
CA ARG B 680 -3.37 -12.46 -15.81
C ARG B 680 -4.38 -13.23 -14.96
N LYS B 681 -5.09 -14.18 -15.56
CA LYS B 681 -5.97 -15.03 -14.77
C LYS B 681 -5.16 -15.98 -13.90
N LEU B 682 -3.98 -16.40 -14.36
CA LEU B 682 -3.18 -17.32 -13.58
C LEU B 682 -2.55 -16.63 -12.39
N ILE B 683 -2.30 -15.33 -12.48
CA ILE B 683 -1.71 -14.62 -11.35
C ILE B 683 -2.79 -14.05 -10.44
N SER B 684 -3.98 -13.78 -10.95
CA SER B 684 -5.08 -13.34 -10.10
C SER B 684 -5.76 -14.47 -9.36
N ASP B 685 -5.26 -15.70 -9.46
CA ASP B 685 -5.78 -16.82 -8.70
C ASP B 685 -4.73 -17.50 -7.84
N PHE B 686 -3.46 -17.43 -8.22
CA PHE B 686 -2.37 -17.76 -7.33
C PHE B 686 -1.96 -16.58 -6.47
N ALA B 687 -2.85 -15.59 -6.30
CA ALA B 687 -2.47 -14.32 -5.73
C ALA B 687 -2.07 -14.47 -4.27
N ILE B 688 -2.79 -15.26 -3.51
CA ILE B 688 -2.55 -15.30 -2.07
C ILE B 688 -1.32 -16.12 -1.74
N ILE B 689 -1.14 -17.26 -2.42
CA ILE B 689 -0.08 -18.19 -2.03
C ILE B 689 1.30 -17.63 -2.31
N LEU B 690 1.50 -16.97 -3.44
CA LEU B 690 2.82 -16.42 -3.67
C LEU B 690 3.02 -15.11 -2.93
N SER B 691 1.93 -14.45 -2.52
CA SER B 691 2.08 -13.35 -1.59
C SER B 691 2.55 -13.84 -0.24
N ILE B 692 2.28 -15.10 0.09
CA ILE B 692 2.95 -15.67 1.25
C ILE B 692 4.39 -15.98 0.91
N LEU B 693 4.67 -16.40 -0.32
CA LEU B 693 6.03 -16.77 -0.70
C LEU B 693 6.95 -15.56 -0.83
N ILE B 694 6.43 -14.45 -1.36
CA ILE B 694 7.23 -13.24 -1.51
C ILE B 694 7.66 -12.73 -0.14
N PHE B 695 6.73 -12.65 0.79
CA PHE B 695 7.13 -12.22 2.12
C PHE B 695 7.67 -13.36 2.96
N CYS B 696 7.67 -14.60 2.46
CA CYS B 696 8.43 -15.63 3.15
C CYS B 696 9.93 -15.40 2.99
N VAL B 697 10.35 -15.03 1.78
CA VAL B 697 11.78 -14.90 1.53
C VAL B 697 12.31 -13.53 1.94
N ILE B 698 11.44 -12.52 2.04
CA ILE B 698 11.86 -11.24 2.60
C ILE B 698 12.17 -11.41 4.08
N ASP B 699 11.45 -12.31 4.75
CA ASP B 699 11.86 -12.72 6.07
C ASP B 699 13.16 -13.51 6.04
N ALA B 700 13.42 -14.21 4.95
CA ALA B 700 14.65 -14.99 4.90
C ALA B 700 15.86 -14.09 4.66
N LEU B 701 15.72 -13.11 3.78
CA LEU B 701 16.83 -12.22 3.45
C LEU B 701 17.18 -11.33 4.64
N VAL B 702 16.19 -10.64 5.19
CA VAL B 702 16.39 -9.84 6.39
C VAL B 702 16.60 -10.81 7.55
N GLY B 703 17.81 -10.84 8.09
CA GLY B 703 18.22 -11.93 8.97
C GLY B 703 17.56 -12.00 10.32
N VAL B 704 16.67 -11.09 10.65
CA VAL B 704 16.00 -11.15 11.95
C VAL B 704 14.93 -12.22 11.90
N ASP B 705 14.70 -12.88 13.03
CA ASP B 705 13.64 -13.87 13.12
C ASP B 705 12.36 -13.20 13.57
N THR B 706 11.38 -14.01 13.94
CA THR B 706 9.99 -13.65 14.13
C THR B 706 9.35 -14.91 14.70
N PRO B 707 8.13 -14.86 15.24
CA PRO B 707 7.41 -16.11 15.46
C PRO B 707 7.06 -16.77 14.13
N LYS B 708 7.17 -18.10 14.11
CA LYS B 708 6.95 -18.90 12.92
C LYS B 708 6.07 -20.09 13.31
N LEU B 709 5.58 -20.82 12.31
CA LEU B 709 4.77 -21.98 12.58
C LEU B 709 5.59 -23.11 13.18
N ILE B 710 5.02 -23.79 14.17
CA ILE B 710 5.64 -24.97 14.74
C ILE B 710 4.51 -25.97 15.04
N VAL B 711 4.42 -27.02 14.23
CA VAL B 711 3.27 -27.92 14.21
C VAL B 711 3.21 -29.05 15.23
N PRO B 712 4.29 -29.80 15.57
CA PRO B 712 3.94 -30.95 16.40
C PRO B 712 3.79 -30.60 17.88
N TRP B 735 -25.99 -40.31 38.44
CA TRP B 735 -25.91 -38.93 38.87
C TRP B 735 -25.02 -38.15 37.91
N VAL B 736 -24.09 -38.86 37.27
CA VAL B 736 -23.23 -38.23 36.27
C VAL B 736 -24.02 -38.00 34.99
N CYS B 737 -24.88 -38.95 34.63
CA CYS B 737 -25.51 -38.93 33.32
C CYS B 737 -26.56 -37.84 33.22
N LEU B 738 -27.55 -37.85 34.11
CA LEU B 738 -28.68 -36.92 33.96
C LEU B 738 -28.27 -35.49 34.31
N ALA B 739 -27.19 -35.33 35.08
CA ALA B 739 -26.64 -33.99 35.27
C ALA B 739 -25.96 -33.52 34.00
N ALA B 740 -25.49 -34.45 33.18
CA ALA B 740 -24.87 -34.08 31.91
C ALA B 740 -25.91 -33.91 30.82
N ALA B 741 -27.19 -34.12 31.14
CA ALA B 741 -28.23 -33.87 30.16
C ALA B 741 -28.38 -32.39 29.89
N ILE B 742 -28.43 -31.58 30.95
CA ILE B 742 -28.82 -30.18 30.80
C ILE B 742 -27.77 -29.29 30.14
N PRO B 743 -26.44 -29.53 30.28
CA PRO B 743 -25.54 -28.78 29.38
C PRO B 743 -25.56 -29.32 27.97
N ALA B 744 -25.89 -30.60 27.80
CA ALA B 744 -26.06 -31.13 26.46
C ALA B 744 -27.33 -30.57 25.82
N LEU B 745 -28.27 -30.12 26.64
CA LEU B 745 -29.40 -29.36 26.12
C LEU B 745 -28.96 -28.01 25.59
N LEU B 746 -27.85 -27.48 26.13
CA LEU B 746 -27.42 -26.15 25.75
C LEU B 746 -26.58 -26.18 24.48
N VAL B 747 -25.63 -27.13 24.39
CA VAL B 747 -24.69 -27.11 23.28
C VAL B 747 -25.36 -27.59 22.00
N THR B 748 -26.46 -28.33 22.13
CA THR B 748 -27.17 -28.74 20.92
C THR B 748 -28.03 -27.61 20.40
N ILE B 749 -28.16 -26.52 21.15
CA ILE B 749 -28.80 -25.33 20.61
C ILE B 749 -27.83 -24.62 19.68
N LEU B 750 -26.63 -24.31 20.18
CA LEU B 750 -25.73 -23.43 19.45
C LEU B 750 -25.12 -24.11 18.23
N ILE B 751 -24.77 -25.39 18.36
CA ILE B 751 -24.23 -26.19 17.27
C ILE B 751 -25.28 -26.36 16.19
N PHE B 752 -26.55 -26.47 16.60
CA PHE B 752 -27.62 -26.39 15.62
C PHE B 752 -27.69 -24.99 15.01
N MET B 753 -27.70 -23.96 15.86
CA MET B 753 -27.92 -22.61 15.37
C MET B 753 -26.74 -22.09 14.56
N ASP B 754 -25.52 -22.55 14.87
CA ASP B 754 -24.35 -22.13 14.10
C ASP B 754 -24.39 -22.72 12.70
N GLN B 755 -24.96 -23.91 12.56
CA GLN B 755 -24.90 -24.63 11.29
C GLN B 755 -25.72 -23.95 10.21
N GLN B 756 -26.89 -23.42 10.57
CA GLN B 756 -27.76 -22.78 9.59
C GLN B 756 -27.16 -21.50 9.05
N ILE B 757 -26.68 -20.63 9.94
CA ILE B 757 -26.14 -19.35 9.48
C ILE B 757 -24.77 -19.50 8.84
N THR B 758 -24.06 -20.58 9.10
CA THR B 758 -22.90 -20.95 8.28
C THR B 758 -23.30 -21.73 7.04
N ALA B 759 -24.58 -21.88 6.79
CA ALA B 759 -25.05 -22.46 5.55
C ALA B 759 -25.84 -21.49 4.70
N VAL B 760 -26.68 -20.65 5.31
CA VAL B 760 -27.53 -19.77 4.52
C VAL B 760 -26.73 -18.62 3.93
N ILE B 761 -25.55 -18.31 4.48
CA ILE B 761 -24.68 -17.37 3.82
C ILE B 761 -23.87 -18.03 2.72
N VAL B 762 -23.86 -19.36 2.67
CA VAL B 762 -23.05 -20.08 1.70
C VAL B 762 -23.98 -20.48 0.57
N ASN B 763 -25.26 -20.63 0.89
CA ASN B 763 -26.28 -20.91 -0.12
C ASN B 763 -26.38 -19.78 -1.12
N ARG B 764 -26.83 -18.60 -0.65
CA ARG B 764 -26.54 -17.29 -1.23
C ARG B 764 -26.82 -17.23 -2.73
N LYS B 765 -28.10 -17.06 -3.09
CA LYS B 765 -28.56 -17.03 -4.49
C LYS B 765 -27.72 -16.13 -5.42
N GLU B 766 -27.04 -15.12 -4.85
CA GLU B 766 -25.95 -14.42 -5.54
C GLU B 766 -24.91 -15.37 -6.12
N HIS B 767 -24.51 -16.40 -5.38
CA HIS B 767 -23.62 -17.40 -5.96
C HIS B 767 -24.44 -18.25 -6.93
N LYS B 768 -24.37 -17.89 -8.20
CA LYS B 768 -25.31 -18.34 -9.21
C LYS B 768 -25.03 -19.79 -9.59
N LEU B 769 -26.09 -20.48 -10.05
CA LEU B 769 -26.02 -21.76 -10.77
C LEU B 769 -25.39 -22.87 -9.93
N LYS B 770 -25.84 -22.99 -8.70
CA LYS B 770 -25.36 -24.09 -7.89
C LYS B 770 -26.10 -25.38 -8.22
N LYS B 771 -25.64 -26.47 -7.61
CA LYS B 771 -26.12 -27.80 -7.93
C LYS B 771 -26.48 -28.55 -6.65
N GLY B 772 -27.29 -27.93 -5.82
CA GLY B 772 -27.87 -28.59 -4.67
C GLY B 772 -27.89 -27.71 -3.45
N ALA B 773 -28.64 -28.15 -2.43
CA ALA B 773 -28.73 -27.43 -1.16
C ALA B 773 -29.08 -28.45 -0.08
N GLY B 774 -28.07 -28.93 0.63
CA GLY B 774 -28.31 -29.93 1.65
C GLY B 774 -28.35 -29.37 3.06
N TYR B 775 -29.52 -29.38 3.69
CA TYR B 775 -29.69 -28.80 5.02
C TYR B 775 -29.77 -29.82 6.13
N HIS B 776 -30.19 -31.03 5.83
CA HIS B 776 -30.44 -32.01 6.88
C HIS B 776 -29.29 -32.98 7.05
N LEU B 777 -28.71 -33.46 5.95
CA LEU B 777 -27.73 -34.54 6.05
C LEU B 777 -26.42 -34.04 6.62
N ASP B 778 -26.03 -32.80 6.36
CA ASP B 778 -24.86 -32.23 7.02
C ASP B 778 -25.09 -32.07 8.50
N LEU B 779 -26.29 -31.68 8.88
CA LEU B 779 -26.64 -31.65 10.29
C LEU B 779 -26.73 -33.06 10.85
N PHE B 780 -27.05 -34.02 10.00
CA PHE B 780 -26.86 -35.43 10.36
C PHE B 780 -25.38 -35.81 10.30
N TRP B 781 -24.61 -35.20 9.40
CA TRP B 781 -23.19 -35.54 9.33
C TRP B 781 -22.43 -35.04 10.56
N VAL B 782 -22.78 -33.85 11.06
CA VAL B 782 -22.04 -33.34 12.22
C VAL B 782 -22.37 -34.11 13.47
N ALA B 783 -23.53 -34.76 13.52
CA ALA B 783 -23.83 -35.63 14.65
C ALA B 783 -23.04 -36.92 14.60
N ILE B 784 -22.71 -37.40 13.40
CA ILE B 784 -21.92 -38.61 13.27
C ILE B 784 -20.51 -38.36 13.78
N LEU B 785 -19.88 -37.29 13.34
CA LEU B 785 -18.54 -36.99 13.79
C LEU B 785 -18.50 -36.46 15.21
N MET B 786 -19.65 -36.10 15.79
CA MET B 786 -19.65 -35.62 17.15
C MET B 786 -19.33 -36.74 18.14
N VAL B 787 -19.84 -37.94 17.89
CA VAL B 787 -19.58 -39.01 18.83
C VAL B 787 -18.17 -39.55 18.67
N ILE B 788 -17.59 -39.47 17.48
CA ILE B 788 -16.22 -39.97 17.35
C ILE B 788 -15.26 -38.92 17.88
N CYS B 789 -15.62 -37.63 17.82
CA CYS B 789 -14.79 -36.62 18.46
C CYS B 789 -14.94 -36.66 19.96
N SER B 790 -16.13 -36.98 20.45
CA SER B 790 -16.34 -37.03 21.88
C SER B 790 -15.66 -38.23 22.49
N LEU B 791 -15.60 -39.34 21.76
CA LEU B 791 -15.03 -40.56 22.30
C LEU B 791 -13.52 -40.49 22.39
N MET B 792 -12.88 -39.70 21.53
CA MET B 792 -11.43 -39.66 21.45
C MET B 792 -10.84 -38.42 22.11
N ALA B 793 -11.65 -37.64 22.82
CA ALA B 793 -11.30 -36.32 23.39
C ALA B 793 -10.81 -35.36 22.31
N LEU B 794 -11.72 -35.06 21.39
CA LEU B 794 -11.49 -34.15 20.27
C LEU B 794 -12.53 -33.03 20.29
N PRO B 795 -12.14 -31.80 19.96
CA PRO B 795 -13.06 -30.66 20.10
C PRO B 795 -14.15 -30.67 19.05
N TRP B 796 -15.34 -30.22 19.48
CA TRP B 796 -16.51 -30.21 18.62
C TRP B 796 -16.35 -29.20 17.50
N TYR B 797 -16.77 -29.59 16.29
CA TYR B 797 -16.37 -28.89 15.07
C TYR B 797 -17.57 -28.54 14.20
N VAL B 798 -18.03 -27.29 14.30
CA VAL B 798 -19.16 -26.82 13.51
C VAL B 798 -18.61 -26.13 12.28
N ALA B 799 -19.45 -25.98 11.26
CA ALA B 799 -19.01 -25.35 10.02
C ALA B 799 -18.60 -23.88 10.15
N ALA B 800 -17.62 -23.50 9.33
CA ALA B 800 -17.10 -22.14 9.29
C ALA B 800 -18.04 -21.15 8.61
N THR B 801 -17.76 -19.88 8.84
CA THR B 801 -18.52 -18.73 8.36
C THR B 801 -17.67 -17.74 7.55
N VAL B 802 -16.44 -17.49 7.95
CA VAL B 802 -15.55 -16.61 7.20
C VAL B 802 -14.63 -17.38 6.25
N ILE B 803 -14.21 -18.59 6.59
CA ILE B 803 -13.32 -19.34 5.71
C ILE B 803 -14.08 -19.91 4.55
N SER B 804 -15.33 -20.33 4.79
CA SER B 804 -16.16 -20.89 3.73
C SER B 804 -16.53 -19.86 2.69
N ILE B 805 -16.81 -18.63 3.11
CA ILE B 805 -17.05 -17.58 2.13
C ILE B 805 -15.73 -17.09 1.54
N ALA B 806 -14.60 -17.38 2.18
CA ALA B 806 -13.31 -17.21 1.55
C ALA B 806 -12.89 -18.41 0.71
N HIS B 807 -13.42 -19.60 1.02
CA HIS B 807 -13.26 -20.75 0.16
C HIS B 807 -13.88 -20.49 -1.21
N ILE B 808 -15.19 -20.23 -1.23
CA ILE B 808 -15.92 -20.13 -2.49
C ILE B 808 -15.71 -18.81 -3.19
N ASP B 809 -14.89 -17.92 -2.65
CA ASP B 809 -14.43 -16.79 -3.45
C ASP B 809 -13.48 -17.28 -4.53
N SER B 810 -12.61 -18.23 -4.19
CA SER B 810 -11.60 -18.70 -5.12
C SER B 810 -12.22 -19.52 -6.24
N LEU B 811 -13.18 -20.38 -5.89
CA LEU B 811 -13.67 -21.40 -6.81
C LEU B 811 -14.78 -20.83 -7.69
N LYS B 812 -14.42 -19.87 -8.53
CA LYS B 812 -15.42 -19.30 -9.41
C LYS B 812 -14.80 -18.83 -10.71
N MET B 813 -15.59 -18.92 -11.78
CA MET B 813 -15.16 -18.56 -13.12
C MET B 813 -15.55 -17.12 -13.41
N GLU B 814 -15.37 -16.71 -14.67
CA GLU B 814 -15.93 -15.47 -15.19
C GLU B 814 -16.48 -15.67 -16.59
N PHE B 826 -20.17 -13.36 -14.23
CA PHE B 826 -19.93 -14.17 -13.04
C PHE B 826 -19.84 -15.64 -13.40
N LEU B 827 -20.95 -16.17 -13.93
CA LEU B 827 -21.05 -17.50 -14.53
C LEU B 827 -20.72 -18.62 -13.53
N GLY B 828 -21.55 -18.73 -12.49
CA GLY B 828 -21.52 -19.88 -11.61
C GLY B 828 -20.30 -19.92 -10.70
N VAL B 829 -20.23 -20.94 -9.86
CA VAL B 829 -18.99 -21.11 -9.13
C VAL B 829 -18.30 -22.43 -9.44
N ARG B 830 -18.73 -23.54 -8.84
CA ARG B 830 -18.09 -24.87 -8.88
C ARG B 830 -18.97 -25.82 -8.10
N GLU B 831 -18.56 -27.08 -8.08
CA GLU B 831 -19.04 -28.05 -7.10
C GLU B 831 -17.89 -29.00 -6.75
N GLN B 832 -16.69 -28.46 -6.53
CA GLN B 832 -15.50 -29.30 -6.36
C GLN B 832 -15.58 -30.01 -5.01
N ARG B 833 -15.35 -31.33 -5.06
CA ARG B 833 -15.50 -32.10 -3.84
C ARG B 833 -14.15 -32.50 -3.26
N VAL B 834 -13.09 -32.48 -4.08
CA VAL B 834 -11.80 -32.91 -3.54
C VAL B 834 -11.07 -31.74 -2.91
N THR B 835 -11.32 -30.52 -3.39
CA THR B 835 -10.63 -29.35 -2.86
C THR B 835 -11.08 -29.06 -1.44
N GLY B 836 -12.34 -29.39 -1.14
CA GLY B 836 -12.81 -29.29 0.22
C GLY B 836 -12.27 -30.38 1.12
N THR B 837 -11.73 -31.46 0.52
CA THR B 837 -11.33 -32.58 1.37
C THR B 837 -9.86 -32.94 1.21
N LEU B 838 -9.18 -32.38 0.20
CA LEU B 838 -7.73 -32.54 0.18
C LEU B 838 -7.08 -31.68 1.24
N VAL B 839 -7.74 -30.59 1.62
CA VAL B 839 -7.18 -29.65 2.57
C VAL B 839 -7.11 -30.27 3.96
N PHE B 840 -7.96 -31.26 4.22
CA PHE B 840 -7.89 -31.94 5.50
C PHE B 840 -6.92 -33.10 5.44
N ILE B 841 -6.71 -33.67 4.26
CA ILE B 841 -5.71 -34.71 4.10
C ILE B 841 -4.32 -34.13 4.28
N LEU B 842 -4.05 -32.96 3.67
CA LEU B 842 -2.78 -32.30 3.88
C LEU B 842 -2.67 -31.78 5.29
N THR B 843 -3.80 -31.44 5.91
CA THR B 843 -3.78 -31.16 7.34
C THR B 843 -3.51 -32.43 8.12
N GLY B 844 -4.03 -33.56 7.63
CA GLY B 844 -3.76 -34.83 8.27
C GLY B 844 -2.30 -35.22 8.19
N LEU B 845 -1.64 -34.90 7.09
CA LEU B 845 -0.20 -35.04 7.04
C LEU B 845 0.42 -33.99 7.94
N SER B 846 0.63 -34.37 9.20
CA SER B 846 0.99 -33.46 10.26
C SER B 846 2.40 -32.91 10.06
N VAL B 847 3.38 -33.77 9.94
CA VAL B 847 4.74 -33.32 9.70
C VAL B 847 4.88 -32.76 8.29
N PHE B 848 4.68 -33.60 7.26
CA PHE B 848 4.89 -33.28 5.84
C PHE B 848 6.23 -32.56 5.63
N MET B 849 7.26 -33.15 6.23
CA MET B 849 8.59 -32.56 6.41
C MET B 849 8.48 -31.15 7.00
N ALA B 850 7.99 -31.09 8.23
CA ALA B 850 7.66 -29.90 9.00
C ALA B 850 8.71 -28.78 9.00
N PRO B 851 10.01 -29.06 8.82
CA PRO B 851 10.90 -27.99 8.36
C PRO B 851 10.53 -27.33 7.02
N ILE B 852 9.70 -27.94 6.16
CA ILE B 852 9.25 -27.18 5.00
C ILE B 852 8.15 -26.20 5.40
N LEU B 853 7.56 -26.38 6.58
CA LEU B 853 6.54 -25.49 7.08
C LEU B 853 7.06 -24.72 8.30
N LYS B 854 8.31 -24.94 8.68
CA LYS B 854 8.85 -24.25 9.83
C LYS B 854 9.30 -22.84 9.49
N PHE B 855 9.88 -22.63 8.32
CA PHE B 855 10.24 -21.26 7.99
C PHE B 855 9.18 -20.55 7.16
N ILE B 856 7.94 -20.62 7.62
CA ILE B 856 6.89 -19.67 7.27
C ILE B 856 6.65 -18.80 8.49
N PRO B 857 6.75 -17.49 8.38
CA PRO B 857 6.60 -16.64 9.55
C PRO B 857 5.16 -16.56 9.98
N MET B 858 4.94 -16.61 11.29
CA MET B 858 3.59 -16.48 11.81
C MET B 858 2.91 -15.14 11.48
N PRO B 859 3.57 -13.96 11.50
CA PRO B 859 2.83 -12.74 11.14
C PRO B 859 2.47 -12.59 9.69
N VAL B 860 2.97 -13.41 8.77
CA VAL B 860 2.41 -13.27 7.44
C VAL B 860 1.09 -14.00 7.38
N LEU B 861 0.87 -14.96 8.25
CA LEU B 861 -0.38 -15.68 8.27
C LEU B 861 -1.48 -14.91 8.97
N TYR B 862 -1.14 -13.93 9.79
CA TYR B 862 -2.20 -13.07 10.27
C TYR B 862 -2.63 -12.10 9.19
N GLY B 863 -1.77 -11.85 8.21
CA GLY B 863 -2.18 -11.01 7.11
C GLY B 863 -3.20 -11.67 6.22
N VAL B 864 -3.03 -12.97 5.95
CA VAL B 864 -4.01 -13.64 5.11
C VAL B 864 -5.27 -13.93 5.89
N PHE B 865 -5.26 -13.80 7.21
CA PHE B 865 -6.51 -13.71 7.94
C PHE B 865 -7.21 -12.39 7.64
N LEU B 866 -6.48 -11.28 7.70
CA LEU B 866 -7.10 -10.00 7.46
C LEU B 866 -7.50 -9.81 6.01
N TYR B 867 -6.88 -10.53 5.09
CA TYR B 867 -7.42 -10.51 3.74
C TYR B 867 -8.72 -11.28 3.67
N MET B 868 -8.80 -12.43 4.34
CA MET B 868 -10.05 -13.18 4.31
C MET B 868 -11.15 -12.48 5.08
N GLY B 869 -10.81 -11.65 6.05
CA GLY B 869 -11.83 -10.86 6.72
C GLY B 869 -12.43 -9.81 5.82
N VAL B 870 -11.59 -8.99 5.18
CA VAL B 870 -12.07 -7.87 4.40
C VAL B 870 -12.74 -8.36 3.12
N ALA B 871 -12.23 -9.43 2.54
CA ALA B 871 -12.87 -9.95 1.35
C ALA B 871 -14.13 -10.75 1.66
N SER B 872 -14.38 -11.08 2.93
CA SER B 872 -15.61 -11.80 3.24
C SER B 872 -16.83 -10.91 3.13
N LEU B 873 -16.67 -9.62 3.39
CA LEU B 873 -17.76 -8.66 3.27
C LEU B 873 -17.75 -7.94 1.92
N ASN B 874 -17.26 -8.60 0.87
CA ASN B 874 -17.22 -7.99 -0.43
C ASN B 874 -18.62 -7.82 -1.01
N GLY B 875 -19.31 -8.91 -1.24
CA GLY B 875 -20.57 -8.88 -1.96
C GLY B 875 -21.81 -8.71 -1.12
N VAL B 876 -21.68 -8.40 0.17
CA VAL B 876 -22.85 -8.22 1.02
C VAL B 876 -23.56 -6.94 0.62
N GLN B 877 -24.87 -6.91 0.86
CA GLN B 877 -25.64 -5.74 0.50
C GLN B 877 -25.45 -4.62 1.50
N PHE B 878 -25.19 -4.99 2.75
CA PHE B 878 -25.15 -4.03 3.84
C PHE B 878 -23.95 -3.10 3.77
N MET B 879 -22.82 -3.56 3.27
CA MET B 879 -21.69 -2.66 3.08
C MET B 879 -21.94 -1.68 1.94
N ASP B 880 -22.72 -2.07 0.94
CA ASP B 880 -23.01 -1.15 -0.17
C ASP B 880 -23.90 0.00 0.25
N ARG B 881 -24.53 -0.08 1.41
CA ARG B 881 -25.30 1.03 1.95
C ARG B 881 -24.67 1.66 3.19
N LEU B 882 -23.81 0.94 3.90
CA LEU B 882 -23.10 1.61 4.98
C LEU B 882 -22.06 2.56 4.42
N LYS B 883 -21.57 2.31 3.21
CA LYS B 883 -20.78 3.27 2.46
C LYS B 883 -21.65 4.18 1.60
N LEU B 884 -22.95 4.29 1.92
CA LEU B 884 -23.81 5.26 1.28
C LEU B 884 -24.19 6.40 2.20
N LEU B 885 -24.01 6.23 3.52
CA LEU B 885 -24.10 7.35 4.43
C LEU B 885 -23.04 8.40 4.13
N LEU B 886 -21.84 7.96 3.75
CA LEU B 886 -20.77 8.89 3.44
C LEU B 886 -20.81 9.37 2.00
N MET B 887 -21.72 8.88 1.21
CA MET B 887 -21.78 9.23 -0.19
C MET B 887 -22.73 10.40 -0.38
N PRO B 888 -22.27 11.54 -0.88
CA PRO B 888 -23.18 12.69 -1.06
C PRO B 888 -24.15 12.47 -2.19
N LEU B 889 -25.26 13.22 -2.14
CA LEU B 889 -26.53 12.76 -2.69
C LEU B 889 -26.56 12.74 -4.21
N LYS B 890 -25.84 13.62 -4.88
CA LYS B 890 -25.94 13.72 -6.34
C LYS B 890 -25.05 12.65 -6.98
N HIS B 891 -25.48 11.39 -6.83
CA HIS B 891 -24.70 10.24 -7.25
C HIS B 891 -25.64 9.09 -7.61
N GLN B 892 -25.04 7.95 -7.95
CA GLN B 892 -25.81 6.88 -8.56
C GLN B 892 -25.91 5.67 -7.63
N PRO B 893 -27.11 5.25 -7.27
CA PRO B 893 -27.29 3.94 -6.65
C PRO B 893 -27.51 2.83 -7.67
N ASP B 894 -27.90 1.66 -7.18
CA ASP B 894 -28.11 0.51 -8.05
C ASP B 894 -29.57 0.37 -8.49
N PHE B 895 -30.48 0.14 -7.56
CA PHE B 895 -31.84 -0.31 -7.89
C PHE B 895 -32.77 0.89 -8.14
N ILE B 896 -33.83 0.65 -8.90
CA ILE B 896 -34.65 1.71 -9.48
C ILE B 896 -36.08 1.57 -8.93
N TYR B 897 -36.77 2.73 -8.84
CA TYR B 897 -38.23 2.90 -8.81
C TYR B 897 -38.90 2.65 -7.46
N LEU B 898 -38.23 2.05 -6.48
CA LEU B 898 -38.99 1.74 -5.28
C LEU B 898 -38.41 2.39 -4.03
N ARG B 899 -37.16 2.85 -4.07
CA ARG B 899 -36.69 3.63 -2.94
C ARG B 899 -36.07 4.95 -3.40
N HIS B 900 -36.31 5.34 -4.65
CA HIS B 900 -35.81 6.61 -5.13
C HIS B 900 -36.66 7.78 -4.63
N VAL B 901 -37.92 7.53 -4.33
CA VAL B 901 -38.71 8.55 -3.63
C VAL B 901 -38.44 8.44 -2.12
N PRO B 902 -38.44 7.23 -1.47
CA PRO B 902 -37.94 7.28 -0.08
C PRO B 902 -36.43 7.13 0.01
N LEU B 903 -35.73 8.22 -0.29
CA LEU B 903 -34.30 8.26 -0.09
C LEU B 903 -33.96 8.27 1.40
N ARG B 904 -34.76 8.99 2.18
CA ARG B 904 -34.53 9.09 3.61
C ARG B 904 -34.76 7.78 4.34
N ARG B 905 -35.59 6.89 3.79
CA ARG B 905 -35.85 5.62 4.45
C ARG B 905 -34.65 4.69 4.37
N VAL B 906 -33.84 4.84 3.32
CA VAL B 906 -32.58 4.11 3.21
C VAL B 906 -31.66 4.48 4.36
N HIS B 907 -31.54 5.77 4.63
CA HIS B 907 -30.69 6.24 5.71
C HIS B 907 -31.27 5.88 7.06
N LEU B 908 -32.58 5.65 7.14
CA LEU B 908 -33.20 5.20 8.37
C LEU B 908 -33.08 3.69 8.53
N PHE B 909 -33.13 2.92 7.45
CA PHE B 909 -33.13 1.47 7.58
C PHE B 909 -31.76 0.97 8.02
N THR B 910 -30.71 1.42 7.35
CA THR B 910 -29.37 0.95 7.66
C THR B 910 -28.93 1.45 9.03
N PHE B 911 -29.39 2.63 9.43
CA PHE B 911 -29.09 3.10 10.77
C PHE B 911 -29.77 2.25 11.82
N LEU B 912 -30.92 1.67 11.50
CA LEU B 912 -31.52 0.70 12.39
C LEU B 912 -30.72 -0.59 12.38
N GLN B 913 -30.17 -0.96 11.23
CA GLN B 913 -29.36 -2.15 11.13
C GLN B 913 -27.99 -1.96 11.76
N VAL B 914 -27.43 -0.76 11.69
CA VAL B 914 -26.20 -0.47 12.42
C VAL B 914 -26.48 -0.51 13.92
N LEU B 915 -27.69 -0.12 14.32
CA LEU B 915 -28.02 -0.05 15.74
C LEU B 915 -28.04 -1.42 16.38
N CYS B 916 -28.52 -2.44 15.68
CA CYS B 916 -28.58 -3.75 16.31
C CYS B 916 -27.22 -4.43 16.35
N LEU B 917 -26.27 -4.01 15.52
CA LEU B 917 -24.94 -4.59 15.61
C LEU B 917 -24.22 -4.14 16.87
N ALA B 918 -24.49 -2.91 17.31
CA ALA B 918 -23.86 -2.40 18.52
C ALA B 918 -24.37 -3.10 19.76
N LEU B 919 -25.64 -3.51 19.76
CA LEU B 919 -26.14 -4.38 20.81
C LEU B 919 -25.40 -5.70 20.81
N LEU B 920 -25.30 -6.33 19.64
CA LEU B 920 -24.64 -7.62 19.52
C LEU B 920 -23.14 -7.54 19.77
N TRP B 921 -22.52 -6.38 19.51
CA TRP B 921 -21.11 -6.25 19.82
C TRP B 921 -20.86 -6.26 21.32
N ILE B 922 -21.65 -5.50 22.07
CA ILE B 922 -21.35 -5.35 23.48
C ILE B 922 -21.87 -6.54 24.28
N LEU B 923 -22.89 -7.24 23.77
CA LEU B 923 -23.27 -8.51 24.36
C LEU B 923 -22.27 -9.62 24.05
N LYS B 924 -21.49 -9.48 22.99
CA LYS B 924 -20.41 -10.42 22.75
C LYS B 924 -19.26 -10.21 23.74
N SER B 925 -19.12 -8.98 24.25
CA SER B 925 -18.06 -8.69 25.20
C SER B 925 -18.31 -9.36 26.54
N THR B 926 -19.56 -9.38 27.00
CA THR B 926 -19.88 -10.05 28.25
C THR B 926 -20.02 -11.55 28.02
N VAL B 927 -20.39 -12.28 29.07
CA VAL B 927 -20.57 -13.73 28.97
C VAL B 927 -22.01 -13.92 28.50
N ALA B 928 -22.20 -13.78 27.19
CA ALA B 928 -23.49 -13.99 26.56
C ALA B 928 -23.34 -14.66 25.22
N ALA B 929 -22.13 -15.09 24.85
CA ALA B 929 -21.93 -15.83 23.62
C ALA B 929 -22.12 -17.32 23.81
N ILE B 930 -21.99 -17.82 25.04
CA ILE B 930 -22.28 -19.22 25.31
C ILE B 930 -23.76 -19.52 25.06
N ILE B 931 -24.64 -18.57 25.37
CA ILE B 931 -26.02 -18.62 24.88
C ILE B 931 -25.96 -17.88 23.55
N PHE B 932 -25.64 -18.59 22.50
CA PHE B 932 -25.31 -17.89 21.27
C PHE B 932 -26.48 -17.38 20.42
N PRO B 933 -27.58 -18.10 20.16
CA PRO B 933 -28.62 -17.51 19.32
C PRO B 933 -29.48 -16.46 20.00
N VAL B 934 -29.21 -16.10 21.25
CA VAL B 934 -29.98 -15.02 21.85
C VAL B 934 -29.57 -13.69 21.24
N MET B 935 -28.39 -13.63 20.61
CA MET B 935 -28.05 -12.51 19.75
C MET B 935 -28.43 -12.79 18.31
N ILE B 936 -29.23 -13.82 18.05
CA ILE B 936 -29.80 -14.07 16.73
C ILE B 936 -31.32 -13.99 16.76
N LEU B 937 -31.95 -14.57 17.78
CA LEU B 937 -33.39 -14.44 17.93
C LEU B 937 -33.80 -13.01 18.23
N ALA B 938 -33.04 -12.32 19.08
CA ALA B 938 -33.26 -10.90 19.26
C ALA B 938 -32.84 -10.12 18.02
N LEU B 939 -31.93 -10.68 17.22
CA LEU B 939 -31.55 -10.03 15.99
C LEU B 939 -32.66 -10.16 14.95
N VAL B 940 -33.29 -11.34 14.85
CA VAL B 940 -34.40 -11.47 13.91
C VAL B 940 -35.70 -10.91 14.44
N ALA B 941 -35.73 -10.47 15.70
CA ALA B 941 -36.94 -9.89 16.25
C ALA B 941 -37.25 -8.54 15.62
N VAL B 942 -36.22 -7.73 15.37
CA VAL B 942 -36.44 -6.41 14.77
C VAL B 942 -36.81 -6.51 13.30
N ARG B 943 -36.65 -7.67 12.70
CA ARG B 943 -37.23 -7.89 11.38
C ARG B 943 -38.75 -7.88 11.47
N LYS B 944 -39.33 -8.35 12.57
CA LYS B 944 -40.77 -8.25 12.74
C LYS B 944 -41.21 -6.83 13.03
N GLY B 945 -40.35 -6.03 13.68
CA GLY B 945 -40.65 -4.64 13.87
C GLY B 945 -40.66 -3.84 12.58
N MET B 946 -39.95 -4.33 11.57
CA MET B 946 -39.94 -3.73 10.25
C MET B 946 -41.30 -3.87 9.56
N ASP B 947 -42.11 -4.85 9.98
CA ASP B 947 -43.41 -5.08 9.36
C ASP B 947 -44.42 -3.98 9.67
N TYR B 948 -44.15 -3.13 10.67
CA TYR B 948 -45.06 -2.05 10.97
C TYR B 948 -44.89 -0.86 10.04
N LEU B 949 -43.72 -0.75 9.40
CA LEU B 949 -43.50 0.24 8.35
C LEU B 949 -43.15 -0.52 7.07
N PHE B 950 -44.17 -0.80 6.27
CA PHE B 950 -44.07 -1.68 5.13
C PHE B 950 -44.42 -0.93 3.86
N SER B 951 -43.79 -1.33 2.77
CA SER B 951 -44.09 -0.83 1.44
C SER B 951 -43.73 -1.93 0.46
N GLN B 952 -43.58 -1.59 -0.80
CA GLN B 952 -42.83 -2.46 -1.69
C GLN B 952 -41.37 -2.48 -1.27
N HIS B 953 -40.74 -3.64 -1.38
CA HIS B 953 -39.37 -3.81 -0.91
C HIS B 953 -38.57 -4.66 -1.87
N ASP B 954 -37.43 -4.13 -2.30
CA ASP B 954 -36.34 -4.94 -2.81
C ASP B 954 -35.31 -5.26 -1.74
N LEU B 955 -35.70 -5.21 -0.48
CA LEU B 955 -34.86 -5.60 0.65
C LEU B 955 -35.14 -7.05 1.05
N SER B 956 -35.10 -7.95 0.08
CA SER B 956 -35.49 -9.34 0.25
C SER B 956 -34.56 -10.23 -0.55
N PHE B 957 -34.55 -11.52 -0.22
CA PHE B 957 -33.54 -12.42 -0.74
C PHE B 957 -33.91 -12.91 -2.13
N LEU B 958 -33.13 -13.88 -2.62
CA LEU B 958 -33.19 -14.54 -3.93
C LEU B 958 -33.17 -13.57 -5.12
N ASP B 959 -32.79 -12.32 -4.89
CA ASP B 959 -32.96 -11.23 -5.84
C ASP B 959 -31.84 -10.23 -5.57
N ASP B 960 -30.81 -10.26 -6.40
CA ASP B 960 -29.61 -9.46 -6.15
C ASP B 960 -29.30 -8.50 -7.28
N VAL B 961 -29.23 -8.98 -8.51
CA VAL B 961 -29.12 -8.12 -9.68
C VAL B 961 -30.33 -8.39 -10.57
N ILE B 962 -31.03 -7.31 -10.93
CA ILE B 962 -32.27 -7.41 -11.67
C ILE B 962 -32.16 -6.43 -12.84
N PRO B 963 -32.14 -6.89 -14.08
CA PRO B 963 -31.98 -5.96 -15.20
C PRO B 963 -33.28 -5.27 -15.59
N GLU B 964 -34.42 -5.89 -15.23
CA GLU B 964 -35.78 -5.39 -15.46
C GLU B 964 -36.17 -5.23 -16.92
N LYS B 965 -35.32 -5.67 -17.85
CA LYS B 965 -35.56 -5.49 -19.28
C LYS B 965 -35.09 -6.73 -20.04
#